data_6Z63
#
_entry.id   6Z63
#
_cell.length_a   33.047
_cell.length_b   118.541
_cell.length_c   82.372
_cell.angle_alpha   90.000
_cell.angle_beta   97.550
_cell.angle_gamma   90.000
#
_symmetry.space_group_name_H-M   'P 1 21 1'
#
loop_
_entity.id
_entity.type
_entity.pdbx_description
1 polymer 'Cell division ATP-binding protein FtsE'
2 non-polymer "ADENOSINE-5'-DIPHOSPHATE"
3 water water
#
_entity_poly.entity_id   1
_entity_poly.type   'polypeptide(L)'
_entity_poly.pdbx_seq_one_letter_code
;GSIIEMRDVVKKYDNGTTALRGVSVSVQPGEFAYIVGPSGAGKSTFIRSLYREVKIDKGSLSVAGFNLVKIKKKDVPLLR
RSVGVVFQDYKLLPKKTVYENIAYAMEVIGENRRNIKRRVMEVLDLVGLKHKVRSFPNELSGGEQQRIAIARAIVNNPKV
LIADEPTGNLDPDNSWEIMNLLERINLQGTTILMATHNSQIVNTLRHRVIAIENGRVVRDESKGEYGYDD
;
_entity_poly.pdbx_strand_id   A,B,C
#
loop_
_chem_comp.id
_chem_comp.type
_chem_comp.name
_chem_comp.formula
ADP non-polymer ADENOSINE-5'-DIPHOSPHATE 'C10 H15 N5 O10 P2'
#
# COMPACT_ATOMS: atom_id res chain seq x y z
N GLY A 1 14.87 10.50 40.03
CA GLY A 1 15.32 9.13 39.87
C GLY A 1 15.64 8.71 38.44
N SER A 2 16.63 7.83 38.31
CA SER A 2 17.07 7.37 37.00
C SER A 2 15.99 6.56 36.29
N ILE A 3 16.04 6.59 34.96
CA ILE A 3 15.29 5.68 34.12
C ILE A 3 16.18 4.53 33.62
N ILE A 4 17.49 4.73 33.52
CA ILE A 4 18.44 3.67 33.22
C ILE A 4 19.57 3.77 34.22
N GLU A 5 19.87 2.67 34.91
CA GLU A 5 21.00 2.65 35.83
C GLU A 5 21.80 1.38 35.58
N MET A 6 22.99 1.53 35.02
CA MET A 6 23.89 0.45 34.71
C MET A 6 25.11 0.59 35.62
N ARG A 7 25.53 -0.49 36.27
CA ARG A 7 26.64 -0.42 37.21
C ARG A 7 27.58 -1.61 37.00
N ASP A 8 28.84 -1.31 36.67
CA ASP A 8 29.91 -2.31 36.61
C ASP A 8 29.59 -3.44 35.63
N VAL A 9 28.89 -3.15 34.54
CA VAL A 9 28.40 -4.22 33.67
C VAL A 9 29.54 -4.86 32.89
N VAL A 10 29.58 -6.18 32.92
CA VAL A 10 30.52 -7.02 32.19
C VAL A 10 29.75 -7.96 31.28
N LYS A 11 30.22 -8.13 30.05
CA LYS A 11 29.61 -9.08 29.11
C LYS A 11 30.71 -9.76 28.33
N LYS A 12 30.75 -11.09 28.40
CA LYS A 12 31.69 -11.89 27.64
C LYS A 12 30.90 -12.85 26.76
N TYR A 13 31.21 -12.86 25.47
CA TYR A 13 30.49 -13.76 24.57
C TYR A 13 31.01 -15.20 24.72
N ASP A 14 30.26 -16.14 24.14
CA ASP A 14 30.57 -17.55 24.35
C ASP A 14 31.98 -17.91 23.86
N ASN A 15 32.48 -17.23 22.82
CA ASN A 15 33.81 -17.53 22.33
C ASN A 15 34.92 -16.90 23.16
N GLY A 16 34.59 -16.18 24.23
CA GLY A 16 35.57 -15.63 25.12
C GLY A 16 35.85 -14.16 24.98
N THR A 17 35.33 -13.51 23.93
CA THR A 17 35.57 -12.09 23.73
C THR A 17 34.82 -11.28 24.79
N THR A 18 35.52 -10.45 25.54
CA THR A 18 34.89 -9.62 26.56
C THR A 18 34.52 -8.28 25.95
N ALA A 19 33.23 -8.08 25.66
CA ALA A 19 32.74 -6.93 24.91
C ALA A 19 32.47 -5.71 25.79
N LEU A 20 32.03 -5.90 27.04
CA LEU A 20 31.89 -4.82 28.00
C LEU A 20 32.70 -5.21 29.22
N ARG A 21 33.54 -4.27 29.68
CA ARG A 21 34.54 -4.57 30.69
C ARG A 21 34.33 -3.69 31.91
N GLY A 22 33.10 -3.62 32.43
CA GLY A 22 32.85 -2.74 33.55
C GLY A 22 32.33 -1.37 33.19
N VAL A 23 31.10 -1.33 32.66
CA VAL A 23 30.44 -0.10 32.20
C VAL A 23 29.40 0.34 33.22
N SER A 24 29.48 1.61 33.63
CA SER A 24 28.49 2.25 34.48
C SER A 24 27.94 3.49 33.80
N VAL A 25 26.61 3.59 33.72
CA VAL A 25 25.93 4.68 33.03
C VAL A 25 24.62 4.94 33.75
N SER A 26 24.35 6.19 34.05
CA SER A 26 23.12 6.62 34.68
C SER A 26 22.41 7.61 33.78
N VAL A 27 21.13 7.39 33.51
CA VAL A 27 20.35 8.24 32.61
C VAL A 27 19.05 8.64 33.30
N GLN A 28 18.72 9.95 33.25
CA GLN A 28 17.52 10.53 33.83
C GLN A 28 16.39 10.56 32.80
N PRO A 29 15.14 10.53 33.26
CA PRO A 29 14.02 10.66 32.31
C PRO A 29 14.16 11.93 31.49
N GLY A 30 14.02 11.80 30.17
CA GLY A 30 14.03 12.92 29.26
C GLY A 30 15.37 13.23 28.61
N GLU A 31 16.44 12.57 29.03
CA GLU A 31 17.75 12.79 28.44
C GLU A 31 17.81 12.27 27.01
N PHE A 32 18.62 12.94 26.19
CA PHE A 32 19.03 12.47 24.87
C PHE A 32 20.54 12.24 24.89
N ALA A 33 20.95 11.00 24.63
CA ALA A 33 22.36 10.66 24.68
C ALA A 33 22.77 9.86 23.45
N TYR A 34 23.91 10.25 22.89
CA TYR A 34 24.58 9.49 21.85
C TYR A 34 25.56 8.53 22.49
N ILE A 35 25.67 7.33 21.92
CA ILE A 35 26.70 6.36 22.28
C ILE A 35 27.67 6.28 21.10
N VAL A 36 28.94 6.64 21.34
CA VAL A 36 29.90 6.69 20.24
C VAL A 36 31.15 5.90 20.63
N GLY A 37 31.96 5.59 19.61
CA GLY A 37 33.21 4.86 19.78
C GLY A 37 33.61 4.05 18.56
N PRO A 38 34.85 3.57 18.53
CA PRO A 38 35.33 2.84 17.34
C PRO A 38 34.60 1.51 17.16
N SER A 39 34.74 0.96 15.96
CA SER A 39 34.28 -0.40 15.71
C SER A 39 34.80 -1.32 16.79
N GLY A 40 33.92 -2.17 17.30
CA GLY A 40 34.29 -3.16 18.29
C GLY A 40 34.38 -2.65 19.71
N ALA A 41 34.05 -1.38 19.96
CA ALA A 41 34.14 -0.85 21.33
C ALA A 41 33.11 -1.48 22.25
N GLY A 42 31.97 -1.91 21.70
CA GLY A 42 30.93 -2.54 22.47
C GLY A 42 29.62 -1.78 22.44
N LYS A 43 29.49 -0.84 21.50
CA LYS A 43 28.27 -0.04 21.41
C LYS A 43 27.03 -0.91 21.21
N SER A 44 27.08 -1.85 20.27
CA SER A 44 25.91 -2.66 19.97
C SER A 44 25.56 -3.55 21.14
N THR A 45 26.59 -4.11 21.80
CA THR A 45 26.37 -4.94 22.98
C THR A 45 25.69 -4.14 24.09
N PHE A 46 26.18 -2.92 24.31
CA PHE A 46 25.56 -2.03 25.29
C PHE A 46 24.10 -1.73 24.96
N ILE A 47 23.81 -1.36 23.71
CA ILE A 47 22.43 -1.06 23.33
C ILE A 47 21.54 -2.28 23.54
N ARG A 48 22.00 -3.45 23.10
CA ARG A 48 21.19 -4.66 23.20
C ARG A 48 20.94 -5.03 24.65
N SER A 49 21.87 -4.74 25.55
CA SER A 49 21.63 -5.08 26.96
C SER A 49 20.43 -4.31 27.52
N LEU A 50 20.10 -3.14 26.96
CA LEU A 50 19.08 -2.27 27.54
C LEU A 50 17.67 -2.78 27.32
N TYR A 51 17.44 -3.65 26.33
CA TYR A 51 16.14 -4.29 26.20
C TYR A 51 16.24 -5.80 26.34
N ARG A 52 17.32 -6.26 26.98
CA ARG A 52 17.52 -7.65 27.37
C ARG A 52 17.78 -8.55 26.18
N GLU A 53 18.09 -8.00 25.02
CA GLU A 53 18.50 -8.84 23.91
C GLU A 53 19.79 -9.57 24.22
N VAL A 54 20.70 -8.96 25.00
CA VAL A 54 21.83 -9.66 25.59
C VAL A 54 21.67 -9.60 27.10
N LYS A 55 22.17 -10.64 27.76
CA LYS A 55 22.13 -10.78 29.21
C LYS A 55 23.49 -10.40 29.76
N ILE A 56 23.52 -9.57 30.81
CA ILE A 56 24.80 -9.20 31.40
C ILE A 56 25.34 -10.34 32.27
N ASP A 57 26.66 -10.43 32.38
CA ASP A 57 27.29 -11.47 33.20
C ASP A 57 27.52 -11.02 34.63
N LYS A 58 27.94 -9.77 34.81
CA LYS A 58 28.27 -9.21 36.11
C LYS A 58 27.80 -7.77 36.13
N GLY A 59 27.55 -7.27 37.33
CA GLY A 59 27.06 -5.92 37.49
C GLY A 59 25.57 -5.88 37.75
N SER A 60 25.00 -4.70 37.55
CA SER A 60 23.57 -4.52 37.73
C SER A 60 23.04 -3.59 36.65
N LEU A 61 21.75 -3.75 36.37
CA LEU A 61 21.13 -2.99 35.27
C LEU A 61 19.64 -2.92 35.54
N SER A 62 19.12 -1.71 35.71
CA SER A 62 17.69 -1.47 35.79
C SER A 62 17.27 -0.49 34.70
N VAL A 63 16.09 -0.76 34.13
CA VAL A 63 15.50 0.05 33.06
C VAL A 63 14.01 0.17 33.30
N ALA A 64 13.52 1.41 33.47
CA ALA A 64 12.08 1.67 33.63
C ALA A 64 11.46 0.83 34.74
N GLY A 65 12.19 0.65 35.83
CA GLY A 65 11.69 -0.15 36.94
C GLY A 65 11.86 -1.64 36.80
N PHE A 66 12.43 -2.12 35.70
CA PHE A 66 12.69 -3.53 35.51
C PHE A 66 14.13 -3.82 35.87
N ASN A 67 14.36 -4.84 36.69
CA ASN A 67 15.70 -5.30 37.01
C ASN A 67 16.10 -6.32 35.96
N LEU A 68 17.03 -5.94 35.07
CA LEU A 68 17.30 -6.80 33.93
C LEU A 68 18.16 -8.01 34.28
N VAL A 69 18.68 -8.08 35.51
CA VAL A 69 19.35 -9.31 35.96
C VAL A 69 18.31 -10.33 36.41
N LYS A 70 17.24 -9.84 37.00
CA LYS A 70 16.19 -10.68 37.59
C LYS A 70 15.10 -11.06 36.60
N ILE A 71 14.81 -10.21 35.60
CA ILE A 71 13.63 -10.39 34.77
C ILE A 71 13.66 -11.75 34.09
N LYS A 72 12.52 -12.44 34.12
CA LYS A 72 12.38 -13.73 33.46
C LYS A 72 12.02 -13.55 31.99
N LYS A 73 12.38 -14.54 31.17
CA LYS A 73 12.08 -14.48 29.75
C LYS A 73 10.61 -14.15 29.50
N LYS A 74 9.72 -14.80 30.25
CA LYS A 74 8.28 -14.61 30.07
C LYS A 74 7.85 -13.17 30.23
N ASP A 75 8.63 -12.36 30.93
CA ASP A 75 8.25 -10.97 31.17
C ASP A 75 8.98 -9.98 30.27
N VAL A 76 9.85 -10.44 29.38
CA VAL A 76 10.55 -9.50 28.49
C VAL A 76 9.58 -8.74 27.60
N PRO A 77 8.49 -9.34 27.09
CA PRO A 77 7.50 -8.53 26.33
C PRO A 77 7.03 -7.31 27.10
N LEU A 78 6.78 -7.46 28.41
CA LEU A 78 6.38 -6.33 29.22
C LEU A 78 7.43 -5.24 29.20
N LEU A 79 8.69 -5.61 29.42
CA LEU A 79 9.79 -4.65 29.27
C LEU A 79 9.74 -3.98 27.91
N ARG A 80 9.50 -4.75 26.86
N ARG A 80 9.51 -4.77 26.85
CA ARG A 80 9.56 -4.18 25.52
CA ARG A 80 9.53 -4.21 25.49
C ARG A 80 8.32 -3.35 25.19
C ARG A 80 8.41 -3.18 25.29
N ARG A 81 7.39 -3.19 26.15
CA ARG A 81 6.34 -2.20 26.02
C ARG A 81 6.70 -0.87 26.68
N SER A 82 7.71 -0.86 27.56
CA SER A 82 8.26 0.36 28.13
C SER A 82 9.51 0.84 27.41
N VAL A 83 10.11 0.02 26.55
CA VAL A 83 11.32 0.38 25.84
C VAL A 83 11.09 0.13 24.37
N GLY A 84 10.97 1.21 23.59
CA GLY A 84 10.90 1.08 22.15
C GLY A 84 12.28 0.91 21.54
N VAL A 85 12.34 0.20 20.42
CA VAL A 85 13.62 -0.15 19.81
C VAL A 85 13.59 0.18 18.32
N VAL A 86 14.63 0.89 17.87
CA VAL A 86 14.84 1.28 16.49
C VAL A 86 16.15 0.66 16.00
N PHE A 87 16.11 0.14 14.77
CA PHE A 87 17.21 -0.62 14.18
C PHE A 87 17.76 0.10 12.96
N GLN A 88 19.06 -0.10 12.71
CA GLN A 88 19.72 0.51 11.57
C GLN A 88 19.05 0.11 10.26
N ASP A 89 18.59 -1.13 10.14
CA ASP A 89 17.98 -1.63 8.90
C ASP A 89 16.47 -1.63 8.91
N TYR A 90 15.85 -0.93 9.86
CA TYR A 90 14.44 -0.63 10.06
C TYR A 90 13.61 -1.82 10.51
N LYS A 91 13.96 -3.02 10.05
CA LYS A 91 13.26 -4.27 10.36
C LYS A 91 11.72 -4.15 10.30
N LEU A 92 11.20 -3.59 9.21
CA LEU A 92 9.78 -3.78 8.96
C LEU A 92 9.57 -5.18 8.38
N LEU A 93 8.35 -5.69 8.52
CA LEU A 93 7.99 -6.96 7.90
C LEU A 93 7.46 -6.72 6.50
N PRO A 94 8.11 -7.22 5.44
CA PRO A 94 7.80 -6.75 4.09
C PRO A 94 6.44 -7.18 3.56
N LYS A 95 5.86 -8.27 4.07
CA LYS A 95 4.56 -8.69 3.56
C LYS A 95 3.40 -8.00 4.27
N LYS A 96 3.65 -7.28 5.37
CA LYS A 96 2.63 -6.57 6.11
C LYS A 96 2.55 -5.11 5.66
N THR A 97 1.34 -4.57 5.69
CA THR A 97 1.14 -3.15 5.43
C THR A 97 1.76 -2.32 6.55
N VAL A 98 1.80 -1.01 6.32
CA VAL A 98 2.23 -0.08 7.37
C VAL A 98 1.36 -0.26 8.61
N TYR A 99 0.03 -0.28 8.42
CA TYR A 99 -0.87 -0.47 9.54
C TYR A 99 -0.51 -1.71 10.33
N GLU A 100 -0.39 -2.86 9.64
CA GLU A 100 -0.10 -4.12 10.30
C GLU A 100 1.25 -4.12 11.01
N ASN A 101 2.27 -3.50 10.40
CA ASN A 101 3.58 -3.42 11.01
C ASN A 101 3.53 -2.66 12.33
N ILE A 102 2.73 -1.60 12.40
CA ILE A 102 2.69 -0.84 13.65
C ILE A 102 1.78 -1.53 14.67
N ALA A 103 0.61 -1.97 14.22
CA ALA A 103 -0.36 -2.60 15.11
C ALA A 103 0.23 -3.85 15.76
N TYR A 104 1.17 -4.50 15.09
CA TYR A 104 1.71 -5.75 15.62
C TYR A 104 2.38 -5.55 16.98
N ALA A 105 2.90 -4.36 17.26
CA ALA A 105 3.58 -4.14 18.53
C ALA A 105 2.62 -3.86 19.68
N MET A 106 1.33 -3.74 19.41
CA MET A 106 0.34 -3.53 20.46
C MET A 106 -0.26 -4.86 20.88
N GLU A 107 -0.30 -5.09 22.19
CA GLU A 107 -0.81 -6.35 22.71
C GLU A 107 -2.32 -6.41 22.56
N VAL A 108 -2.82 -7.59 22.16
CA VAL A 108 -4.25 -7.78 22.03
C VAL A 108 -4.86 -7.90 23.41
N ILE A 109 -5.92 -7.14 23.68
CA ILE A 109 -6.54 -7.07 24.98
C ILE A 109 -8.04 -7.23 24.75
N GLY A 110 -8.52 -8.47 24.81
CA GLY A 110 -9.89 -8.73 24.46
C GLY A 110 -10.24 -8.13 23.11
N GLU A 111 -11.08 -7.09 23.12
CA GLU A 111 -11.42 -6.39 21.88
C GLU A 111 -10.22 -5.68 21.27
N ASN A 112 -9.85 -4.56 21.89
CA ASN A 112 -8.66 -3.73 21.58
C ASN A 112 -8.63 -3.20 20.13
N ARG A 113 -9.39 -3.78 19.18
CA ARG A 113 -9.11 -3.55 17.76
C ARG A 113 -9.34 -2.08 17.39
N ARG A 114 -10.47 -1.53 17.78
CA ARG A 114 -10.77 -0.13 17.48
C ARG A 114 -9.83 0.82 18.21
N ASN A 115 -9.44 0.47 19.42
CA ASN A 115 -8.50 1.31 20.16
C ASN A 115 -7.12 1.25 19.53
N ILE A 116 -6.69 0.05 19.13
CA ILE A 116 -5.45 -0.08 18.41
C ILE A 116 -5.45 0.79 17.17
N LYS A 117 -6.57 0.83 16.44
CA LYS A 117 -6.60 1.63 15.21
C LYS A 117 -6.43 3.11 15.51
N ARG A 118 -7.10 3.63 16.54
CA ARG A 118 -6.94 5.03 16.87
C ARG A 118 -5.49 5.34 17.23
N ARG A 119 -4.82 4.43 17.95
CA ARG A 119 -3.44 4.70 18.33
C ARG A 119 -2.50 4.63 17.12
N VAL A 120 -2.73 3.68 16.20
CA VAL A 120 -1.91 3.60 15.00
C VAL A 120 -2.02 4.88 14.20
N MET A 121 -3.25 5.40 14.09
CA MET A 121 -3.41 6.66 13.38
C MET A 121 -2.73 7.82 14.12
N GLU A 122 -2.73 7.79 15.45
CA GLU A 122 -2.04 8.82 16.21
C GLU A 122 -0.55 8.84 15.89
N VAL A 123 0.10 7.69 15.93
CA VAL A 123 1.55 7.71 15.72
C VAL A 123 1.88 7.97 14.25
N LEU A 124 1.02 7.51 13.32
CA LEU A 124 1.22 7.87 11.92
C LEU A 124 1.15 9.39 11.72
N ASP A 125 0.21 10.06 12.40
CA ASP A 125 0.16 11.51 12.30
C ASP A 125 1.41 12.13 12.92
N LEU A 126 1.90 11.58 14.03
CA LEU A 126 3.12 12.06 14.65
C LEU A 126 4.32 12.03 13.69
N VAL A 127 4.39 11.01 12.82
CA VAL A 127 5.52 10.88 11.89
C VAL A 127 5.19 11.42 10.49
N GLY A 128 3.98 11.92 10.30
CA GLY A 128 3.61 12.53 9.04
C GLY A 128 3.34 11.56 7.91
N LEU A 129 2.84 10.36 8.21
CA LEU A 129 2.66 9.38 7.14
C LEU A 129 1.30 8.69 7.24
N LYS A 130 0.28 9.39 7.72
CA LYS A 130 -1.02 8.74 7.81
C LYS A 130 -1.51 8.32 6.43
N HIS A 131 -1.12 9.03 5.38
CA HIS A 131 -1.56 8.65 4.05
C HIS A 131 -0.90 7.38 3.54
N LYS A 132 0.06 6.80 4.27
CA LYS A 132 0.70 5.55 3.89
C LYS A 132 0.14 4.35 4.65
N VAL A 133 -0.98 4.52 5.35
CA VAL A 133 -1.42 3.48 6.29
C VAL A 133 -1.60 2.13 5.61
N ARG A 134 -2.00 2.10 4.33
CA ARG A 134 -2.21 0.86 3.62
C ARG A 134 -1.05 0.49 2.69
N SER A 135 0.06 1.23 2.74
CA SER A 135 1.19 0.93 1.89
C SER A 135 1.98 -0.26 2.42
N PHE A 136 2.75 -0.91 1.51
CA PHE A 136 3.71 -1.92 1.92
C PHE A 136 5.11 -1.31 2.00
N PRO A 137 6.00 -1.87 2.82
CA PRO A 137 7.34 -1.28 2.96
C PRO A 137 8.06 -1.01 1.65
N ASN A 138 7.92 -1.87 0.62
CA ASN A 138 8.64 -1.60 -0.64
C ASN A 138 8.19 -0.30 -1.29
N GLU A 139 6.96 0.14 -1.03
CA GLU A 139 6.41 1.36 -1.63
C GLU A 139 6.96 2.63 -0.99
N LEU A 140 7.78 2.48 0.05
CA LEU A 140 8.31 3.58 0.85
C LEU A 140 9.80 3.76 0.63
N SER A 141 10.25 5.02 0.70
CA SER A 141 11.68 5.26 0.72
C SER A 141 12.30 4.71 2.00
N GLY A 142 13.63 4.58 2.02
CA GLY A 142 14.30 4.22 3.25
C GLY A 142 13.94 5.13 4.41
N GLY A 143 13.98 6.45 4.17
CA GLY A 143 13.59 7.38 5.22
C GLY A 143 12.15 7.17 5.68
N GLU A 144 11.24 6.95 4.72
CA GLU A 144 9.85 6.70 5.11
C GLU A 144 9.74 5.41 5.90
N GLN A 145 10.49 4.36 5.50
CA GLN A 145 10.49 3.11 6.26
C GLN A 145 10.96 3.34 7.68
N GLN A 146 12.02 4.13 7.85
CA GLN A 146 12.50 4.34 9.21
C GLN A 146 11.52 5.19 10.01
N ARG A 147 10.80 6.12 9.37
CA ARG A 147 9.78 6.87 10.11
C ARG A 147 8.65 5.93 10.56
N ILE A 148 8.27 4.98 9.71
CA ILE A 148 7.26 4.00 10.12
C ILE A 148 7.78 3.14 11.26
N ALA A 149 9.04 2.70 11.17
CA ALA A 149 9.62 1.90 12.25
C ALA A 149 9.67 2.68 13.56
N ILE A 150 9.92 4.00 13.49
CA ILE A 150 9.89 4.83 14.70
C ILE A 150 8.46 4.92 15.25
N ALA A 151 7.48 5.07 14.36
CA ALA A 151 6.09 5.03 14.80
C ALA A 151 5.79 3.72 15.54
N ARG A 152 6.29 2.61 15.01
CA ARG A 152 6.11 1.33 15.67
C ARG A 152 6.77 1.34 17.05
N ALA A 153 7.96 1.94 17.14
CA ALA A 153 8.71 1.93 18.39
C ALA A 153 8.02 2.74 19.48
N ILE A 154 7.21 3.75 19.11
CA ILE A 154 6.55 4.59 20.10
C ILE A 154 5.07 4.26 20.26
N VAL A 155 4.60 3.18 19.63
CA VAL A 155 3.15 2.94 19.62
C VAL A 155 2.61 2.69 21.03
N ASN A 156 3.43 2.12 21.92
CA ASN A 156 2.97 1.90 23.29
C ASN A 156 3.31 3.07 24.22
N ASN A 157 3.69 4.22 23.65
CA ASN A 157 4.08 5.40 24.42
C ASN A 157 5.15 5.04 25.46
N PRO A 158 6.26 4.45 25.04
CA PRO A 158 7.29 4.06 26.00
C PRO A 158 8.01 5.28 26.54
N LYS A 159 8.58 5.12 27.73
CA LYS A 159 9.34 6.22 28.31
C LYS A 159 10.79 6.22 27.87
N VAL A 160 11.25 5.15 27.21
CA VAL A 160 12.61 5.02 26.72
C VAL A 160 12.57 4.54 25.27
N LEU A 161 13.38 5.15 24.42
CA LEU A 161 13.56 4.68 23.06
C LEU A 161 15.05 4.49 22.83
N ILE A 162 15.44 3.29 22.41
CA ILE A 162 16.81 2.89 22.16
C ILE A 162 16.96 2.73 20.65
N ALA A 163 18.02 3.31 20.08
CA ALA A 163 18.22 3.24 18.64
C ALA A 163 19.67 2.87 18.36
N ASP A 164 19.87 1.87 17.50
CA ASP A 164 21.22 1.44 17.11
C ASP A 164 21.49 1.93 15.68
N GLU A 165 22.31 2.98 15.55
CA GLU A 165 22.60 3.60 14.25
C GLU A 165 21.34 3.84 13.43
N PRO A 166 20.37 4.59 13.96
CA PRO A 166 19.11 4.79 13.23
C PRO A 166 19.26 5.45 11.87
N THR A 167 20.34 6.19 11.60
CA THR A 167 20.53 6.78 10.27
C THR A 167 21.65 6.11 9.48
N GLY A 168 22.18 4.98 9.95
CA GLY A 168 23.35 4.38 9.32
C GLY A 168 23.14 3.92 7.90
N ASN A 169 21.89 3.62 7.53
CA ASN A 169 21.56 3.18 6.17
C ASN A 169 20.83 4.25 5.38
N LEU A 170 20.75 5.46 5.92
CA LEU A 170 20.06 6.56 5.25
C LEU A 170 21.06 7.53 4.64
N ASP A 171 20.66 8.15 3.54
CA ASP A 171 21.50 9.19 2.97
C ASP A 171 21.39 10.46 3.81
N PRO A 172 22.20 11.48 3.53
CA PRO A 172 22.27 12.62 4.46
C PRO A 172 20.94 13.34 4.69
N ASP A 173 20.18 13.64 3.63
CA ASP A 173 18.94 14.36 3.83
C ASP A 173 18.00 13.59 4.77
N ASN A 174 17.82 12.30 4.50
CA ASN A 174 16.92 11.50 5.32
C ASN A 174 17.49 11.28 6.73
N SER A 175 18.82 11.27 6.86
CA SER A 175 19.42 11.17 8.19
C SER A 175 19.01 12.36 9.05
N TRP A 176 19.08 13.58 8.48
CA TRP A 176 18.66 14.74 9.26
C TRP A 176 17.17 14.71 9.56
N GLU A 177 16.35 14.23 8.62
CA GLU A 177 14.91 14.16 8.89
C GLU A 177 14.59 13.21 10.05
N ILE A 178 15.27 12.06 10.08
CA ILE A 178 15.06 11.13 11.19
C ILE A 178 15.53 11.75 12.51
N MET A 179 16.66 12.46 12.50
CA MET A 179 17.08 13.15 13.73
C MET A 179 16.03 14.17 14.18
N ASN A 180 15.41 14.89 13.25
CA ASN A 180 14.40 15.85 13.68
C ASN A 180 13.24 15.14 14.35
N LEU A 181 12.82 14.01 13.78
CA LEU A 181 11.75 13.24 14.42
C LEU A 181 12.16 12.75 15.80
N LEU A 182 13.37 12.21 15.94
CA LEU A 182 13.79 11.73 17.25
C LEU A 182 13.85 12.86 18.26
N GLU A 183 14.31 14.04 17.83
CA GLU A 183 14.40 15.17 18.74
C GLU A 183 13.01 15.61 19.18
N ARG A 184 12.04 15.58 18.25
CA ARG A 184 10.66 15.92 18.61
C ARG A 184 10.10 14.93 19.63
N ILE A 185 10.37 13.64 19.43
CA ILE A 185 9.93 12.64 20.39
C ILE A 185 10.59 12.89 21.75
N ASN A 186 11.86 13.27 21.74
CA ASN A 186 12.57 13.51 22.99
C ASN A 186 12.02 14.73 23.71
N LEU A 187 11.65 15.78 22.96
CA LEU A 187 11.16 16.99 23.59
C LEU A 187 9.83 16.75 24.29
N GLN A 188 9.08 15.73 23.87
CA GLN A 188 7.84 15.33 24.52
C GLN A 188 8.07 14.55 25.80
N GLY A 189 9.31 14.21 26.12
CA GLY A 189 9.67 13.60 27.39
C GLY A 189 10.34 12.25 27.29
N THR A 190 10.31 11.61 26.12
CA THR A 190 10.87 10.27 25.96
C THR A 190 12.39 10.30 26.04
N THR A 191 12.97 9.42 26.86
CA THR A 191 14.42 9.31 26.95
C THR A 191 14.92 8.60 25.70
N ILE A 192 15.99 9.11 25.08
CA ILE A 192 16.50 8.47 23.87
C ILE A 192 17.99 8.21 24.02
N LEU A 193 18.39 6.95 23.84
CA LEU A 193 19.80 6.61 23.70
C LEU A 193 20.03 6.06 22.30
N MET A 194 21.01 6.62 21.58
CA MET A 194 21.25 6.13 20.24
C MET A 194 22.74 6.01 19.96
N ALA A 195 23.13 4.83 19.50
CA ALA A 195 24.49 4.60 19.06
C ALA A 195 24.63 5.12 17.63
N THR A 196 25.77 5.74 17.32
CA THR A 196 25.91 6.35 16.01
C THR A 196 27.39 6.49 15.66
N HIS A 197 27.66 6.41 14.34
CA HIS A 197 28.97 6.76 13.78
C HIS A 197 28.94 8.08 13.03
N ASN A 198 27.82 8.83 13.09
CA ASN A 198 27.69 10.01 12.25
C ASN A 198 28.26 11.21 13.00
N SER A 199 29.51 11.55 12.66
CA SER A 199 30.18 12.66 13.34
C SER A 199 29.45 13.97 13.12
N GLN A 200 28.95 14.20 11.91
CA GLN A 200 28.32 15.49 11.62
C GLN A 200 27.06 15.69 12.46
N ILE A 201 26.27 14.62 12.64
CA ILE A 201 25.07 14.72 13.48
C ILE A 201 25.46 15.00 14.93
N VAL A 202 26.40 14.24 15.48
CA VAL A 202 26.74 14.43 16.89
C VAL A 202 27.33 15.81 17.11
N ASN A 203 28.18 16.26 16.18
CA ASN A 203 28.84 17.56 16.31
C ASN A 203 27.88 18.72 16.06
N THR A 204 26.78 18.50 15.36
CA THR A 204 25.84 19.59 15.07
C THR A 204 24.69 19.66 16.06
N LEU A 205 23.99 18.53 16.26
CA LEU A 205 22.87 18.45 17.19
C LEU A 205 23.39 17.99 18.54
N ARG A 206 23.85 18.95 19.34
CA ARG A 206 24.61 18.64 20.54
C ARG A 206 23.72 18.09 21.65
N HIS A 207 24.11 16.93 22.20
CA HIS A 207 23.40 16.22 23.25
C HIS A 207 24.45 15.58 24.17
N ARG A 208 23.99 14.76 25.10
CA ARG A 208 24.95 14.04 25.95
C ARG A 208 25.72 13.04 25.09
N VAL A 209 27.03 12.93 25.30
CA VAL A 209 27.86 12.00 24.55
C VAL A 209 28.51 11.02 25.53
N ILE A 210 28.31 9.74 25.29
CA ILE A 210 28.92 8.67 26.08
C ILE A 210 29.83 7.92 25.11
N ALA A 211 31.13 8.04 25.32
CA ALA A 211 32.11 7.41 24.45
C ALA A 211 32.58 6.12 25.10
N ILE A 212 32.55 5.03 24.33
CA ILE A 212 33.01 3.71 24.77
C ILE A 212 34.22 3.33 23.92
N GLU A 213 35.27 2.84 24.59
CA GLU A 213 36.44 2.28 23.92
C GLU A 213 36.82 0.99 24.62
N ASN A 214 37.04 -0.06 23.84
CA ASN A 214 37.50 -1.34 24.38
C ASN A 214 36.67 -1.76 25.58
N GLY A 215 35.35 -1.62 25.45
CA GLY A 215 34.42 -2.08 26.47
C GLY A 215 34.32 -1.24 27.72
N ARG A 216 34.82 -0.01 27.72
CA ARG A 216 34.72 0.83 28.91
C ARG A 216 34.32 2.24 28.50
N VAL A 217 33.61 2.92 29.39
CA VAL A 217 33.28 4.33 29.17
C VAL A 217 34.53 5.18 29.38
N VAL A 218 34.89 5.97 28.38
CA VAL A 218 36.05 6.84 28.49
C VAL A 218 35.67 8.32 28.58
N ARG A 219 34.43 8.68 28.23
CA ARG A 219 34.00 10.07 28.26
C ARG A 219 32.49 10.09 28.41
N ASP A 220 32.00 11.05 29.18
CA ASP A 220 30.55 11.18 29.38
C ASP A 220 30.30 12.66 29.66
N GLU A 221 29.75 13.38 28.69
CA GLU A 221 29.70 14.83 28.85
C GLU A 221 28.48 15.42 28.19
N SER A 222 27.95 16.45 28.86
CA SER A 222 26.86 17.24 28.32
C SER A 222 27.28 17.94 27.02
N LYS A 223 26.35 18.00 26.08
CA LYS A 223 26.55 18.76 24.84
C LYS A 223 27.92 18.47 24.23
N GLY A 224 28.31 17.20 24.18
CA GLY A 224 29.67 16.85 23.83
C GLY A 224 29.91 16.77 22.33
N GLU A 225 31.20 16.80 21.99
CA GLU A 225 31.61 16.60 20.62
C GLU A 225 31.74 15.10 20.32
N TYR A 226 31.81 14.78 19.03
CA TYR A 226 31.93 13.39 18.63
C TYR A 226 33.26 12.81 19.07
N GLY A 227 34.35 13.55 18.84
CA GLY A 227 35.65 13.17 19.35
C GLY A 227 36.36 12.05 18.62
N TYR A 228 35.81 11.58 17.50
CA TYR A 228 36.47 10.53 16.72
C TYR A 228 36.53 10.90 15.24
N GLY B 1 5.22 34.50 -22.40
CA GLY B 1 5.94 34.13 -21.20
C GLY B 1 5.63 32.71 -20.75
N SER B 2 6.31 32.26 -19.70
CA SER B 2 6.06 30.92 -19.20
C SER B 2 4.64 30.81 -18.65
N ILE B 3 4.08 29.60 -18.76
CA ILE B 3 2.80 29.32 -18.16
C ILE B 3 2.96 28.77 -16.74
N ILE B 4 4.11 28.19 -16.41
CA ILE B 4 4.47 27.85 -15.04
C ILE B 4 5.83 28.43 -14.74
N GLU B 5 5.95 29.13 -13.63
CA GLU B 5 7.22 29.72 -13.20
C GLU B 5 7.36 29.47 -11.72
N MET B 6 8.27 28.55 -11.38
CA MET B 6 8.51 28.14 -10.01
C MET B 6 9.96 28.48 -9.71
N ARG B 7 10.19 29.29 -8.66
CA ARG B 7 11.55 29.73 -8.33
C ARG B 7 11.84 29.52 -6.86
N ASP B 8 12.84 28.69 -6.57
CA ASP B 8 13.38 28.49 -5.22
C ASP B 8 12.30 28.03 -4.26
N VAL B 9 11.43 27.15 -4.72
CA VAL B 9 10.28 26.75 -3.91
C VAL B 9 10.71 25.75 -2.84
N VAL B 10 10.26 26.00 -1.61
CA VAL B 10 10.50 25.13 -0.46
C VAL B 10 9.14 24.78 0.14
N LYS B 11 8.97 23.51 0.50
CA LYS B 11 7.75 23.08 1.20
C LYS B 11 8.15 22.07 2.26
N LYS B 12 7.81 22.37 3.51
CA LYS B 12 7.99 21.43 4.61
C LYS B 12 6.64 21.12 5.24
N TYR B 13 6.44 19.84 5.54
CA TYR B 13 5.25 19.37 6.22
C TYR B 13 5.51 19.34 7.72
N ASP B 14 4.51 19.74 8.50
CA ASP B 14 4.71 19.98 9.92
C ASP B 14 5.36 18.80 10.64
N ASN B 15 4.71 17.65 10.61
CA ASN B 15 5.22 16.46 11.30
C ASN B 15 6.06 15.57 10.38
N GLY B 16 6.46 16.08 9.25
CA GLY B 16 7.15 15.29 8.24
C GLY B 16 8.40 16.00 7.80
N THR B 17 8.66 15.91 6.50
CA THR B 17 9.95 16.29 5.96
C THR B 17 9.81 17.54 5.10
N THR B 18 10.96 18.08 4.73
CA THR B 18 11.04 19.15 3.73
C THR B 18 10.98 18.46 2.38
N ALA B 19 9.79 18.48 1.77
CA ALA B 19 9.55 17.68 0.58
C ALA B 19 10.12 18.33 -0.67
N LEU B 20 10.18 19.67 -0.70
CA LEU B 20 10.83 20.41 -1.77
C LEU B 20 11.87 21.33 -1.14
N ARG B 21 13.10 21.25 -1.61
CA ARG B 21 14.24 21.88 -0.94
C ARG B 21 14.84 22.99 -1.79
N GLY B 22 13.98 23.75 -2.44
CA GLY B 22 14.41 24.84 -3.29
C GLY B 22 14.43 24.32 -4.70
N VAL B 23 13.31 24.48 -5.39
CA VAL B 23 13.10 23.91 -6.70
C VAL B 23 12.71 25.03 -7.65
N SER B 24 13.33 25.05 -8.83
CA SER B 24 13.07 26.06 -9.83
C SER B 24 12.76 25.35 -11.14
N VAL B 25 11.61 25.68 -11.73
CA VAL B 25 11.15 25.05 -12.96
C VAL B 25 10.35 26.08 -13.73
N SER B 26 10.68 26.25 -15.01
CA SER B 26 9.94 27.10 -15.93
C SER B 26 9.36 26.23 -17.04
N VAL B 27 8.10 26.47 -17.34
CA VAL B 27 7.39 25.69 -18.40
C VAL B 27 6.71 26.65 -19.37
N GLN B 28 6.93 26.45 -20.66
CA GLN B 28 6.30 27.30 -21.67
C GLN B 28 4.95 26.71 -22.09
N PRO B 29 4.03 27.51 -22.60
CA PRO B 29 2.77 26.99 -23.07
C PRO B 29 2.95 25.91 -24.13
N GLY B 30 2.24 24.80 -23.95
CA GLY B 30 2.26 23.71 -24.91
C GLY B 30 3.30 22.64 -24.62
N GLU B 31 4.11 22.82 -23.61
CA GLU B 31 5.09 21.77 -23.29
C GLU B 31 4.38 20.53 -22.74
N PHE B 32 5.06 19.39 -22.90
CA PHE B 32 4.73 18.09 -22.30
C PHE B 32 5.94 17.67 -21.48
N ALA B 33 5.73 17.54 -20.16
CA ALA B 33 6.83 17.16 -19.28
C ALA B 33 6.43 16.02 -18.36
N TYR B 34 7.36 15.08 -18.21
CA TYR B 34 7.27 14.03 -17.20
C TYR B 34 7.98 14.48 -15.93
N ILE B 35 7.39 14.14 -14.78
CA ILE B 35 8.05 14.35 -13.49
C ILE B 35 8.41 12.96 -12.97
N VAL B 36 9.70 12.71 -12.73
CA VAL B 36 10.15 11.37 -12.37
C VAL B 36 11.05 11.46 -11.14
N GLY B 37 11.30 10.30 -10.53
CA GLY B 37 12.18 10.22 -9.38
C GLY B 37 11.74 9.14 -8.42
N PRO B 38 12.61 8.79 -7.48
CA PRO B 38 12.29 7.68 -6.58
C PRO B 38 11.18 8.05 -5.61
N SER B 39 10.60 7.01 -4.98
CA SER B 39 9.59 7.23 -3.95
C SER B 39 10.13 8.17 -2.88
N GLY B 40 9.28 9.09 -2.46
CA GLY B 40 9.64 10.06 -1.46
C GLY B 40 10.44 11.24 -1.95
N ALA B 41 10.70 11.33 -3.26
CA ALA B 41 11.53 12.41 -3.78
C ALA B 41 10.85 13.76 -3.73
N GLY B 42 9.52 13.78 -3.79
CA GLY B 42 8.75 15.01 -3.73
C GLY B 42 7.88 15.27 -4.95
N LYS B 43 7.69 14.25 -5.78
CA LYS B 43 6.94 14.40 -7.02
C LYS B 43 5.50 14.84 -6.76
N SER B 44 4.84 14.15 -5.83
CA SER B 44 3.44 14.48 -5.57
C SER B 44 3.30 15.88 -4.97
N THR B 45 4.23 16.27 -4.10
CA THR B 45 4.18 17.62 -3.54
C THR B 45 4.38 18.67 -4.63
N PHE B 46 5.31 18.39 -5.55
CA PHE B 46 5.53 19.29 -6.68
C PHE B 46 4.26 19.48 -7.50
N ILE B 47 3.63 18.37 -7.90
CA ILE B 47 2.46 18.56 -8.76
C ILE B 47 1.30 19.18 -7.98
N ARG B 48 1.12 18.82 -6.71
CA ARG B 48 -0.01 19.39 -5.98
C ARG B 48 0.19 20.88 -5.71
N SER B 49 1.43 21.35 -5.69
CA SER B 49 1.64 22.79 -5.57
C SER B 49 1.11 23.54 -6.77
N LEU B 50 0.99 22.89 -7.92
CA LEU B 50 0.62 23.58 -9.15
C LEU B 50 -0.87 23.90 -9.23
N TYR B 51 -1.72 23.24 -8.45
CA TYR B 51 -3.12 23.64 -8.38
C TYR B 51 -3.50 24.09 -6.96
N ARG B 52 -2.48 24.46 -6.19
CA ARG B 52 -2.56 25.08 -4.86
C ARG B 52 -3.22 24.20 -3.83
N GLU B 53 -3.23 22.88 -4.02
CA GLU B 53 -3.60 22.01 -2.92
C GLU B 53 -2.58 22.12 -1.80
N VAL B 54 -1.31 22.26 -2.17
CA VAL B 54 -0.21 22.59 -1.28
C VAL B 54 0.10 24.07 -1.44
N LYS B 55 0.32 24.76 -0.33
CA LYS B 55 0.83 26.13 -0.34
C LYS B 55 2.31 26.10 0.02
N ILE B 56 3.12 26.81 -0.77
CA ILE B 56 4.56 26.76 -0.57
C ILE B 56 4.96 27.59 0.65
N ASP B 57 6.12 27.26 1.22
CA ASP B 57 6.64 27.98 2.38
C ASP B 57 7.50 29.15 1.96
N LYS B 58 8.32 28.96 0.93
CA LYS B 58 9.25 29.97 0.47
C LYS B 58 9.37 29.87 -1.03
N GLY B 59 9.82 30.94 -1.66
CA GLY B 59 9.96 31.01 -3.10
C GLY B 59 8.77 31.67 -3.77
N SER B 60 8.78 31.60 -5.10
CA SER B 60 7.69 32.16 -5.89
C SER B 60 7.14 31.11 -6.83
N LEU B 61 5.85 31.25 -7.13
CA LEU B 61 5.16 30.28 -7.98
C LEU B 61 4.00 30.94 -8.67
N SER B 62 4.04 30.97 -10.00
N SER B 62 4.03 30.97 -10.01
CA SER B 62 2.93 31.42 -10.82
CA SER B 62 2.93 31.43 -10.82
C SER B 62 2.52 30.30 -11.77
C SER B 62 2.52 30.33 -11.80
N VAL B 63 1.22 30.14 -11.96
CA VAL B 63 0.65 29.13 -12.83
C VAL B 63 -0.52 29.74 -13.58
N ALA B 64 -0.45 29.71 -14.91
CA ALA B 64 -1.58 30.14 -15.75
C ALA B 64 -2.02 31.57 -15.41
N GLY B 65 -1.04 32.40 -15.06
CA GLY B 65 -1.33 33.80 -14.75
C GLY B 65 -1.66 34.07 -13.30
N PHE B 66 -1.80 33.04 -12.47
CA PHE B 66 -2.15 33.20 -11.06
C PHE B 66 -0.89 33.14 -10.20
N ASN B 67 -0.78 34.07 -9.26
CA ASN B 67 0.29 34.06 -8.27
C ASN B 67 -0.12 33.14 -7.12
N LEU B 68 0.49 31.95 -7.04
CA LEU B 68 -0.01 30.96 -6.08
C LEU B 68 0.47 31.22 -4.65
N VAL B 69 1.34 32.20 -4.45
CA VAL B 69 1.63 32.66 -3.10
C VAL B 69 0.52 33.59 -2.61
N LYS B 70 0.02 34.47 -3.49
CA LYS B 70 -0.94 35.49 -3.07
C LYS B 70 -2.40 35.08 -3.20
N ILE B 71 -2.71 34.08 -4.05
CA ILE B 71 -4.10 33.71 -4.29
C ILE B 71 -4.79 33.38 -2.98
N LYS B 72 -6.06 33.80 -2.87
CA LYS B 72 -6.88 33.44 -1.74
C LYS B 72 -7.64 32.14 -2.02
N LYS B 73 -7.98 31.41 -0.96
CA LYS B 73 -8.67 30.10 -1.09
C LYS B 73 -9.92 30.27 -1.95
N LYS B 74 -10.54 31.44 -1.92
CA LYS B 74 -11.80 31.62 -2.67
C LYS B 74 -11.60 31.67 -4.19
N ASP B 75 -10.39 31.99 -4.61
CA ASP B 75 -10.04 32.11 -6.06
C ASP B 75 -9.46 30.80 -6.59
N VAL B 76 -9.27 29.80 -5.73
CA VAL B 76 -8.72 28.55 -6.22
C VAL B 76 -9.64 27.89 -7.24
N PRO B 77 -10.96 27.88 -7.06
CA PRO B 77 -11.81 27.31 -8.13
C PRO B 77 -11.58 28.00 -9.48
N LEU B 78 -11.29 29.31 -9.48
CA LEU B 78 -10.99 29.98 -10.75
C LEU B 78 -9.68 29.50 -11.35
N LEU B 79 -8.63 29.44 -10.53
CA LEU B 79 -7.38 28.82 -10.97
C LEU B 79 -7.63 27.45 -11.58
N ARG B 80 -8.50 26.67 -10.95
CA ARG B 80 -8.68 25.30 -11.42
C ARG B 80 -9.57 25.21 -12.66
N ARG B 81 -10.22 26.31 -13.06
CA ARG B 81 -10.76 26.28 -14.41
C ARG B 81 -9.64 26.35 -15.46
N SER B 82 -8.46 26.85 -15.09
CA SER B 82 -7.33 26.91 -15.99
C SER B 82 -6.37 25.74 -15.80
N VAL B 83 -6.47 25.00 -14.70
CA VAL B 83 -5.56 23.92 -14.37
C VAL B 83 -6.41 22.70 -14.05
N GLY B 84 -6.54 21.80 -15.00
CA GLY B 84 -7.25 20.56 -14.77
C GLY B 84 -6.37 19.50 -14.16
N VAL B 85 -6.99 18.52 -13.47
CA VAL B 85 -6.24 17.50 -12.75
C VAL B 85 -6.85 16.13 -13.04
N VAL B 86 -5.99 15.17 -13.37
CA VAL B 86 -6.29 13.75 -13.55
C VAL B 86 -5.55 12.92 -12.50
N PHE B 87 -6.22 11.90 -11.98
CA PHE B 87 -5.70 11.06 -10.91
C PHE B 87 -5.51 9.61 -11.36
N GLN B 88 -4.71 8.88 -10.58
CA GLN B 88 -4.49 7.46 -10.84
C GLN B 88 -5.75 6.65 -10.57
N ASP B 89 -6.47 7.00 -9.50
CA ASP B 89 -7.72 6.33 -9.13
C ASP B 89 -8.87 7.09 -9.75
N TYR B 90 -9.19 6.73 -10.99
CA TYR B 90 -10.31 7.34 -11.70
C TYR B 90 -11.63 6.98 -11.03
N LYS B 91 -12.43 8.00 -10.72
CA LYS B 91 -13.74 7.83 -10.11
C LYS B 91 -14.75 8.66 -10.87
N LEU B 92 -15.63 8.00 -11.62
CA LEU B 92 -16.71 8.73 -12.27
C LEU B 92 -17.90 8.83 -11.31
N LEU B 93 -18.82 9.74 -11.63
CA LEU B 93 -20.05 9.85 -10.84
C LEU B 93 -20.96 8.67 -11.14
N PRO B 94 -21.47 7.98 -10.12
CA PRO B 94 -21.93 6.59 -10.32
C PRO B 94 -23.26 6.43 -11.05
N LYS B 95 -24.19 7.36 -10.86
CA LYS B 95 -25.50 7.25 -11.46
C LYS B 95 -25.71 8.29 -12.55
N LYS B 96 -24.62 8.80 -13.12
CA LYS B 96 -24.69 9.75 -14.22
C LYS B 96 -24.13 9.09 -15.46
N THR B 97 -24.76 9.39 -16.59
CA THR B 97 -24.25 8.97 -17.87
C THR B 97 -22.90 9.63 -18.13
N VAL B 98 -22.19 9.09 -19.12
CA VAL B 98 -20.97 9.71 -19.61
C VAL B 98 -21.22 11.19 -19.93
N TYR B 99 -22.33 11.48 -20.62
CA TYR B 99 -22.66 12.86 -20.95
C TYR B 99 -22.77 13.72 -19.69
N GLU B 100 -23.54 13.24 -18.70
CA GLU B 100 -23.72 14.01 -17.48
C GLU B 100 -22.40 14.18 -16.73
N ASN B 101 -21.60 13.10 -16.70
CA ASN B 101 -20.29 13.17 -16.05
C ASN B 101 -19.46 14.30 -16.65
N ILE B 102 -19.39 14.36 -17.97
CA ILE B 102 -18.56 15.39 -18.61
C ILE B 102 -19.18 16.77 -18.43
N ALA B 103 -20.50 16.87 -18.55
CA ALA B 103 -21.16 18.16 -18.52
C ALA B 103 -21.13 18.84 -17.16
N TYR B 104 -21.01 18.07 -16.07
CA TYR B 104 -21.19 18.66 -14.75
C TYR B 104 -20.35 19.93 -14.51
N ALA B 105 -19.05 19.90 -14.86
CA ALA B 105 -18.20 21.05 -14.52
C ALA B 105 -18.61 22.30 -15.29
N MET B 106 -19.19 22.12 -16.49
CA MET B 106 -19.74 23.27 -17.21
C MET B 106 -21.04 23.74 -16.57
N GLU B 107 -21.84 22.81 -16.08
CA GLU B 107 -23.08 23.22 -15.41
C GLU B 107 -22.76 24.00 -14.14
N VAL B 108 -21.73 23.58 -13.40
CA VAL B 108 -21.34 24.28 -12.19
C VAL B 108 -20.98 25.71 -12.53
N ILE B 109 -20.39 25.96 -13.69
CA ILE B 109 -20.01 27.37 -14.00
C ILE B 109 -21.13 28.15 -14.71
N GLY B 110 -22.28 27.53 -14.97
CA GLY B 110 -23.44 28.24 -15.53
C GLY B 110 -23.44 28.34 -17.02
N GLU B 111 -22.71 27.47 -17.70
CA GLU B 111 -22.69 27.55 -19.17
C GLU B 111 -24.06 27.26 -19.77
N ASN B 112 -24.24 27.83 -20.95
CA ASN B 112 -25.49 27.63 -21.67
C ASN B 112 -25.62 26.17 -22.14
N ARG B 113 -26.84 25.64 -22.04
CA ARG B 113 -27.05 24.20 -22.31
C ARG B 113 -26.61 23.80 -23.72
N ARG B 114 -26.82 24.67 -24.72
CA ARG B 114 -26.40 24.28 -26.07
C ARG B 114 -24.88 24.29 -26.21
N ASN B 115 -24.22 25.25 -25.56
CA ASN B 115 -22.77 25.23 -25.54
C ASN B 115 -22.24 24.00 -24.82
N ILE B 116 -22.95 23.54 -23.79
CA ILE B 116 -22.54 22.34 -23.08
C ILE B 116 -22.64 21.12 -23.99
N LYS B 117 -23.78 20.95 -24.68
CA LYS B 117 -23.89 19.81 -25.59
C LYS B 117 -22.80 19.85 -26.65
N ARG B 118 -22.53 21.02 -27.22
CA ARG B 118 -21.49 21.13 -28.24
C ARG B 118 -20.13 20.69 -27.69
N ARG B 119 -19.73 21.22 -26.53
CA ARG B 119 -18.42 20.90 -25.96
C ARG B 119 -18.32 19.44 -25.57
N VAL B 120 -19.38 18.86 -24.99
CA VAL B 120 -19.33 17.45 -24.61
C VAL B 120 -19.12 16.58 -25.83
N MET B 121 -19.87 16.87 -26.91
CA MET B 121 -19.72 16.02 -28.09
C MET B 121 -18.35 16.19 -28.73
N GLU B 122 -17.79 17.40 -28.68
CA GLU B 122 -16.43 17.62 -29.17
C GLU B 122 -15.40 16.82 -28.37
N VAL B 123 -15.53 16.81 -27.04
N VAL B 123 -15.52 16.81 -27.04
CA VAL B 123 -14.56 16.08 -26.23
CA VAL B 123 -14.54 16.06 -26.25
C VAL B 123 -14.74 14.57 -26.40
C VAL B 123 -14.73 14.56 -26.40
N LEU B 124 -15.97 14.10 -26.58
CA LEU B 124 -16.17 12.67 -26.80
C LEU B 124 -15.60 12.24 -28.15
N ASP B 125 -15.70 13.11 -29.16
CA ASP B 125 -15.01 12.83 -30.42
C ASP B 125 -13.49 12.78 -30.20
N LEU B 126 -12.95 13.72 -29.42
CA LEU B 126 -11.52 13.71 -29.17
C LEU B 126 -11.06 12.42 -28.50
N VAL B 127 -11.85 11.90 -27.55
CA VAL B 127 -11.44 10.67 -26.87
C VAL B 127 -11.92 9.40 -27.58
N GLY B 128 -12.77 9.52 -28.59
CA GLY B 128 -13.24 8.36 -29.31
C GLY B 128 -14.28 7.50 -28.61
N LEU B 129 -15.16 8.10 -27.80
CA LEU B 129 -16.15 7.33 -27.04
C LEU B 129 -17.56 7.89 -27.19
N LYS B 130 -17.85 8.62 -28.27
CA LYS B 130 -19.21 9.13 -28.44
C LYS B 130 -20.24 8.01 -28.43
N HIS B 131 -19.90 6.83 -28.94
CA HIS B 131 -20.90 5.77 -28.88
C HIS B 131 -21.20 5.34 -27.45
N LYS B 132 -20.54 5.92 -26.45
CA LYS B 132 -20.77 5.63 -25.05
C LYS B 132 -21.46 6.78 -24.33
N VAL B 133 -22.02 7.75 -25.06
CA VAL B 133 -22.47 8.99 -24.45
C VAL B 133 -23.55 8.74 -23.40
N ARG B 134 -24.33 7.67 -23.55
CA ARG B 134 -25.43 7.39 -22.63
C ARG B 134 -25.14 6.25 -21.66
N SER B 135 -23.94 5.68 -21.72
CA SER B 135 -23.58 4.61 -20.81
C SER B 135 -23.27 5.14 -19.41
N PHE B 136 -23.44 4.29 -18.44
CA PHE B 136 -23.06 4.60 -17.08
C PHE B 136 -21.67 4.03 -16.80
N PRO B 137 -21.00 4.55 -15.78
CA PRO B 137 -19.63 4.09 -15.48
C PRO B 137 -19.50 2.59 -15.27
N ASN B 138 -20.52 1.93 -14.71
CA ASN B 138 -20.43 0.48 -14.53
C ASN B 138 -20.55 -0.29 -15.84
N GLU B 139 -20.86 0.40 -16.94
CA GLU B 139 -20.88 -0.22 -18.26
C GLU B 139 -19.59 0.03 -19.04
N LEU B 140 -18.56 0.57 -18.39
CA LEU B 140 -17.31 0.93 -19.04
C LEU B 140 -16.17 0.08 -18.50
N SER B 141 -15.18 -0.16 -19.37
CA SER B 141 -13.92 -0.76 -18.94
C SER B 141 -13.10 0.25 -18.14
N GLY B 142 -12.09 -0.26 -17.43
CA GLY B 142 -11.22 0.64 -16.69
C GLY B 142 -10.56 1.67 -17.59
N GLY B 143 -10.07 1.23 -18.76
CA GLY B 143 -9.48 2.16 -19.69
C GLY B 143 -10.46 3.22 -20.17
N GLU B 144 -11.68 2.80 -20.51
CA GLU B 144 -12.71 3.76 -20.89
C GLU B 144 -13.03 4.71 -19.74
N GLN B 145 -13.02 4.22 -18.51
CA GLN B 145 -13.33 5.09 -17.39
C GLN B 145 -12.26 6.17 -17.25
N GLN B 146 -10.99 5.80 -17.40
CA GLN B 146 -9.95 6.85 -17.33
C GLN B 146 -10.03 7.81 -18.52
N ARG B 147 -10.39 7.32 -19.71
CA ARG B 147 -10.55 8.25 -20.82
C ARG B 147 -11.67 9.25 -20.56
N ILE B 148 -12.77 8.79 -19.94
CA ILE B 148 -13.85 9.70 -19.62
C ILE B 148 -13.46 10.64 -18.48
N ALA B 149 -12.66 10.16 -17.52
CA ALA B 149 -12.18 11.06 -16.47
C ALA B 149 -11.32 12.15 -17.06
N ILE B 150 -10.50 11.82 -18.07
CA ILE B 150 -9.72 12.83 -18.74
C ILE B 150 -10.63 13.80 -19.51
N ALA B 151 -11.64 13.27 -20.21
CA ALA B 151 -12.62 14.15 -20.86
C ALA B 151 -13.25 15.12 -19.88
N ARG B 152 -13.63 14.62 -18.70
CA ARG B 152 -14.17 15.50 -17.65
CA ARG B 152 -14.17 15.50 -17.66
C ARG B 152 -13.16 16.58 -17.30
N ALA B 153 -11.89 16.19 -17.11
CA ALA B 153 -10.86 17.12 -16.67
C ALA B 153 -10.62 18.23 -17.67
N ILE B 154 -10.81 17.96 -18.97
CA ILE B 154 -10.52 18.98 -19.98
C ILE B 154 -11.78 19.67 -20.49
N VAL B 155 -12.94 19.42 -19.88
CA VAL B 155 -14.17 19.93 -20.47
C VAL B 155 -14.15 21.46 -20.52
N ASN B 156 -13.59 22.10 -19.50
CA ASN B 156 -13.55 23.57 -19.53
C ASN B 156 -12.34 24.13 -20.31
N ASN B 157 -11.66 23.30 -21.09
CA ASN B 157 -10.51 23.71 -21.91
C ASN B 157 -9.44 24.39 -21.07
N PRO B 158 -8.93 23.73 -20.04
CA PRO B 158 -7.85 24.31 -19.24
C PRO B 158 -6.58 24.48 -20.06
N LYS B 159 -5.80 25.51 -19.70
CA LYS B 159 -4.51 25.72 -20.33
C LYS B 159 -3.49 24.69 -19.87
N VAL B 160 -3.67 24.14 -18.67
CA VAL B 160 -2.73 23.21 -18.06
C VAL B 160 -3.51 21.99 -17.61
N LEU B 161 -2.91 20.81 -17.79
CA LEU B 161 -3.47 19.55 -17.30
C LEU B 161 -2.37 18.86 -16.52
N ILE B 162 -2.65 18.58 -15.24
CA ILE B 162 -1.73 17.92 -14.31
C ILE B 162 -2.25 16.50 -14.12
N ALA B 163 -1.35 15.52 -14.19
CA ALA B 163 -1.76 14.13 -14.05
C ALA B 163 -0.80 13.42 -13.12
N ASP B 164 -1.34 12.70 -12.12
CA ASP B 164 -0.50 11.98 -11.17
C ASP B 164 -0.62 10.48 -11.47
N GLU B 165 0.40 9.92 -12.13
CA GLU B 165 0.39 8.53 -12.55
C GLU B 165 -0.92 8.13 -13.21
N PRO B 166 -1.29 8.78 -14.30
CA PRO B 166 -2.58 8.50 -14.93
C PRO B 166 -2.73 7.08 -15.42
N THR B 167 -1.62 6.37 -15.73
CA THR B 167 -1.69 4.98 -16.19
C THR B 167 -1.34 3.98 -15.09
N GLY B 168 -1.22 4.42 -13.84
CA GLY B 168 -0.73 3.55 -12.78
C GLY B 168 -1.61 2.34 -12.51
N ASN B 169 -2.91 2.47 -12.73
CA ASN B 169 -3.86 1.39 -12.47
C ASN B 169 -4.37 0.73 -13.74
N LEU B 170 -3.72 0.96 -14.86
CA LEU B 170 -4.11 0.38 -16.13
C LEU B 170 -3.05 -0.60 -16.62
N ASP B 171 -3.47 -1.57 -17.41
CA ASP B 171 -2.54 -2.49 -18.04
C ASP B 171 -1.88 -1.81 -19.23
N PRO B 172 -0.85 -2.44 -19.79
CA PRO B 172 -0.04 -1.77 -20.84
C PRO B 172 -0.84 -1.23 -22.02
N ASP B 173 -1.82 -1.98 -22.54
CA ASP B 173 -2.52 -1.51 -23.73
C ASP B 173 -3.35 -0.27 -23.41
N ASN B 174 -4.13 -0.32 -22.33
CA ASN B 174 -4.88 0.88 -21.95
C ASN B 174 -3.94 2.01 -21.54
N SER B 175 -2.76 1.69 -21.02
CA SER B 175 -1.78 2.73 -20.73
C SER B 175 -1.36 3.47 -22.00
N TRP B 176 -1.01 2.73 -23.06
CA TRP B 176 -0.66 3.39 -24.30
C TRP B 176 -1.83 4.22 -24.84
N GLU B 177 -3.06 3.72 -24.70
CA GLU B 177 -4.20 4.49 -25.19
C GLU B 177 -4.36 5.80 -24.44
N ILE B 178 -4.21 5.77 -23.11
CA ILE B 178 -4.27 7.01 -22.34
C ILE B 178 -3.17 7.96 -22.79
N MET B 179 -1.97 7.43 -23.03
CA MET B 179 -0.88 8.31 -23.46
C MET B 179 -1.18 8.93 -24.82
N ASN B 180 -1.80 8.15 -25.73
CA ASN B 180 -2.13 8.72 -27.03
C ASN B 180 -3.13 9.84 -26.89
N LEU B 181 -4.11 9.66 -26.00
CA LEU B 181 -5.05 10.75 -25.73
C LEU B 181 -4.34 11.98 -25.14
N LEU B 182 -3.47 11.76 -24.17
CA LEU B 182 -2.75 12.89 -23.59
C LEU B 182 -1.93 13.63 -24.66
N GLU B 183 -1.25 12.88 -25.54
CA GLU B 183 -0.49 13.52 -26.61
C GLU B 183 -1.40 14.30 -27.56
N ARG B 184 -2.60 13.76 -27.86
CA ARG B 184 -3.54 14.49 -28.72
C ARG B 184 -4.01 15.78 -28.06
N ILE B 185 -4.25 15.74 -26.76
CA ILE B 185 -4.65 16.98 -26.04
C ILE B 185 -3.49 18.00 -26.07
N ASN B 186 -2.27 17.53 -25.90
CA ASN B 186 -1.10 18.43 -25.90
C ASN B 186 -0.91 19.05 -27.30
N LEU B 187 -1.20 18.29 -28.35
CA LEU B 187 -1.09 18.82 -29.73
C LEU B 187 -2.05 19.99 -29.94
N GLN B 188 -3.20 20.01 -29.28
CA GLN B 188 -4.13 21.15 -29.35
C GLN B 188 -3.54 22.39 -28.66
N GLY B 189 -2.61 22.23 -27.72
CA GLY B 189 -1.96 23.39 -27.10
C GLY B 189 -1.91 23.28 -25.59
N THR B 190 -2.61 22.32 -25.03
CA THR B 190 -2.64 22.17 -23.56
C THR B 190 -1.24 21.78 -23.05
N THR B 191 -0.80 22.50 -22.03
CA THR B 191 0.44 22.14 -21.33
C THR B 191 0.16 20.98 -20.40
N ILE B 192 0.99 19.94 -20.45
CA ILE B 192 0.73 18.74 -19.66
C ILE B 192 1.95 18.42 -18.82
N LEU B 193 1.74 18.22 -17.52
CA LEU B 193 2.78 17.72 -16.64
C LEU B 193 2.27 16.47 -15.98
N MET B 194 3.04 15.38 -16.06
CA MET B 194 2.54 14.11 -15.52
C MET B 194 3.64 13.41 -14.77
N ALA B 195 3.37 13.10 -13.51
CA ALA B 195 4.28 12.29 -12.71
C ALA B 195 4.06 10.83 -13.07
N THR B 196 5.16 10.09 -13.23
CA THR B 196 5.02 8.71 -13.64
C THR B 196 6.23 7.90 -13.20
N HIS B 197 5.99 6.59 -13.06
CA HIS B 197 7.02 5.59 -12.80
C HIS B 197 7.16 4.62 -13.96
N ASN B 198 6.48 4.87 -15.07
CA ASN B 198 6.44 3.91 -16.18
C ASN B 198 7.61 4.17 -17.11
N SER B 199 8.66 3.36 -16.99
CA SER B 199 9.89 3.63 -17.72
C SER B 199 9.69 3.41 -19.22
N GLN B 200 8.91 2.39 -19.59
CA GLN B 200 8.57 2.14 -21.00
C GLN B 200 7.94 3.37 -21.64
N ILE B 201 6.99 3.99 -20.95
CA ILE B 201 6.31 5.14 -21.51
C ILE B 201 7.29 6.29 -21.70
N VAL B 202 8.06 6.61 -20.66
CA VAL B 202 8.95 7.76 -20.71
C VAL B 202 10.03 7.55 -21.77
N ASN B 203 10.48 6.30 -21.94
CA ASN B 203 11.58 6.09 -22.88
C ASN B 203 11.09 6.00 -24.32
N THR B 204 9.83 5.62 -24.54
CA THR B 204 9.30 5.48 -25.88
C THR B 204 8.66 6.75 -26.39
N LEU B 205 7.83 7.39 -25.57
CA LEU B 205 7.16 8.65 -25.91
C LEU B 205 8.01 9.76 -25.30
N ARG B 206 9.01 10.19 -26.05
CA ARG B 206 10.04 11.08 -25.52
C ARG B 206 9.52 12.50 -25.37
N HIS B 207 9.63 13.03 -24.16
CA HIS B 207 9.21 14.38 -23.82
C HIS B 207 10.21 14.95 -22.84
N ARG B 208 9.94 16.19 -22.38
CA ARG B 208 10.80 16.77 -21.37
C ARG B 208 10.74 15.92 -20.10
N VAL B 209 11.90 15.67 -19.48
CA VAL B 209 11.95 14.92 -18.23
C VAL B 209 12.53 15.82 -17.14
N ILE B 210 11.80 15.94 -16.02
CA ILE B 210 12.26 16.66 -14.85
C ILE B 210 12.40 15.62 -13.76
N ALA B 211 13.64 15.37 -13.33
CA ALA B 211 13.90 14.33 -12.35
C ALA B 211 14.15 14.98 -11.00
N ILE B 212 13.46 14.50 -9.97
CA ILE B 212 13.58 15.02 -8.61
C ILE B 212 14.17 13.94 -7.72
N GLU B 213 15.11 14.33 -6.87
CA GLU B 213 15.71 13.44 -5.86
C GLU B 213 15.87 14.23 -4.57
N ASN B 214 15.43 13.65 -3.46
CA ASN B 214 15.41 14.32 -2.15
C ASN B 214 15.02 15.80 -2.24
N GLY B 215 13.94 16.08 -2.96
CA GLY B 215 13.38 17.42 -2.96
C GLY B 215 14.10 18.42 -3.82
N ARG B 216 15.01 17.98 -4.69
CA ARG B 216 15.75 18.86 -5.58
C ARG B 216 15.66 18.35 -7.01
N VAL B 217 15.61 19.27 -7.97
CA VAL B 217 15.71 18.90 -9.37
C VAL B 217 17.15 18.50 -9.66
N VAL B 218 17.35 17.28 -10.15
CA VAL B 218 18.69 16.80 -10.46
C VAL B 218 18.93 16.68 -11.95
N ARG B 219 17.88 16.70 -12.77
CA ARG B 219 17.97 16.55 -14.21
C ARG B 219 16.75 17.22 -14.83
N ASP B 220 16.96 17.96 -15.91
CA ASP B 220 15.85 18.64 -16.57
C ASP B 220 16.26 18.73 -18.04
N GLU B 221 15.74 17.82 -18.85
CA GLU B 221 16.27 17.74 -20.20
C GLU B 221 15.17 17.47 -21.22
N SER B 222 15.46 17.89 -22.44
CA SER B 222 14.57 17.64 -23.57
C SER B 222 14.65 16.19 -23.99
N LYS B 223 13.50 15.62 -24.36
CA LYS B 223 13.43 14.23 -24.83
C LYS B 223 14.30 13.32 -23.97
N GLY B 224 14.07 13.41 -22.65
CA GLY B 224 14.94 12.71 -21.72
C GLY B 224 14.58 11.25 -21.52
N GLU B 225 15.54 10.50 -20.97
CA GLU B 225 15.32 9.11 -20.59
C GLU B 225 14.74 9.03 -19.19
N TYR B 226 14.14 7.88 -18.88
CA TYR B 226 13.55 7.71 -17.55
C TYR B 226 14.63 7.70 -16.47
N GLY B 227 15.61 6.79 -16.59
CA GLY B 227 16.83 6.88 -15.80
C GLY B 227 16.81 6.22 -14.45
N TYR B 228 15.80 5.42 -14.13
CA TYR B 228 15.72 4.76 -12.83
C TYR B 228 15.36 3.29 -13.02
N ASP B 229 15.65 2.50 -11.99
CA ASP B 229 15.32 1.08 -11.98
C ASP B 229 15.94 0.33 -13.15
N GLY C 1 -20.70 -36.92 2.87
CA GLY C 1 -19.42 -36.59 3.45
C GLY C 1 -19.02 -35.17 3.12
N SER C 2 -18.20 -34.57 3.98
CA SER C 2 -17.83 -33.17 3.76
C SER C 2 -16.98 -33.08 2.49
N ILE C 3 -17.12 -31.95 1.81
CA ILE C 3 -16.30 -31.67 0.63
C ILE C 3 -15.00 -30.95 1.00
N ILE C 4 -14.98 -30.24 2.11
CA ILE C 4 -13.76 -29.65 2.66
C ILE C 4 -13.72 -30.04 4.13
N GLU C 5 -12.59 -30.61 4.56
CA GLU C 5 -12.42 -30.98 5.95
C GLU C 5 -11.03 -30.56 6.38
N MET C 6 -10.96 -29.51 7.19
CA MET C 6 -9.72 -28.96 7.73
C MET C 6 -9.72 -29.20 9.24
N ARG C 7 -8.67 -29.83 9.75
CA ARG C 7 -8.60 -30.14 11.18
C ARG C 7 -7.25 -29.71 11.73
N ASP C 8 -7.26 -28.77 12.68
CA ASP C 8 -6.06 -28.39 13.43
C ASP C 8 -4.93 -27.92 12.52
N VAL C 9 -5.29 -27.19 11.46
CA VAL C 9 -4.32 -26.82 10.44
C VAL C 9 -3.45 -25.69 10.95
N VAL C 10 -2.13 -25.85 10.80
CA VAL C 10 -1.13 -24.86 11.16
C VAL C 10 -0.31 -24.54 9.93
N LYS C 11 -0.05 -23.27 9.71
CA LYS C 11 0.82 -22.82 8.62
C LYS C 11 1.74 -21.75 9.15
N LYS C 12 3.04 -22.03 9.11
CA LYS C 12 4.09 -21.07 9.45
C LYS C 12 4.87 -20.74 8.19
N TYR C 13 5.06 -19.45 7.93
CA TYR C 13 5.90 -19.04 6.83
C TYR C 13 7.35 -18.96 7.29
N ASP C 14 8.27 -19.23 6.37
CA ASP C 14 9.65 -19.49 6.76
C ASP C 14 10.27 -18.36 7.58
N ASN C 15 9.77 -17.13 7.47
CA ASN C 15 10.25 -16.07 8.35
C ASN C 15 9.76 -16.23 9.79
N GLY C 16 9.03 -17.30 10.12
CA GLY C 16 8.55 -17.55 11.46
C GLY C 16 7.11 -17.13 11.72
N THR C 17 6.51 -16.35 10.82
CA THR C 17 5.13 -15.89 11.01
C THR C 17 4.15 -17.04 10.84
N THR C 18 3.46 -17.39 11.94
CA THR C 18 2.43 -18.42 11.92
C THR C 18 1.12 -17.81 11.44
N ALA C 19 0.73 -18.13 10.22
CA ALA C 19 -0.44 -17.51 9.59
C ALA C 19 -1.75 -18.20 9.95
N LEU C 20 -1.75 -19.52 10.13
CA LEU C 20 -2.89 -20.27 10.64
C LEU C 20 -2.43 -21.00 11.88
N ARG C 21 -3.19 -20.85 12.97
CA ARG C 21 -2.76 -21.30 14.29
C ARG C 21 -3.66 -22.41 14.83
N GLY C 22 -3.88 -23.47 14.05
CA GLY C 22 -4.83 -24.47 14.49
C GLY C 22 -6.25 -24.14 14.10
N VAL C 23 -6.54 -24.29 12.81
CA VAL C 23 -7.85 -23.97 12.25
C VAL C 23 -8.57 -25.25 11.85
N SER C 24 -9.85 -25.35 12.24
CA SER C 24 -10.71 -26.48 11.90
C SER C 24 -12.00 -25.96 11.28
N VAL C 25 -12.31 -26.44 10.08
CA VAL C 25 -13.48 -26.03 9.32
C VAL C 25 -13.97 -27.23 8.55
N SER C 26 -15.27 -27.48 8.58
CA SER C 26 -15.89 -28.55 7.80
C SER C 26 -16.95 -27.92 6.91
N VAL C 27 -16.97 -28.31 5.64
CA VAL C 27 -17.93 -27.76 4.68
C VAL C 27 -18.59 -28.91 3.96
N GLN C 28 -19.93 -28.91 3.91
CA GLN C 28 -20.71 -29.89 3.18
C GLN C 28 -20.87 -29.47 1.73
N PRO C 29 -21.08 -30.42 0.83
CA PRO C 29 -21.32 -30.07 -0.57
C PRO C 29 -22.50 -29.13 -0.72
N GLY C 30 -22.33 -28.12 -1.57
CA GLY C 30 -23.39 -27.17 -1.84
C GLY C 30 -23.45 -25.97 -0.93
N GLU C 31 -22.61 -25.89 0.09
CA GLU C 31 -22.62 -24.72 0.97
C GLU C 31 -22.10 -23.49 0.25
N PHE C 32 -22.55 -22.34 0.73
CA PHE C 32 -22.02 -21.02 0.37
C PHE C 32 -21.53 -20.39 1.67
N ALA C 33 -20.22 -20.09 1.72
CA ALA C 33 -19.65 -19.50 2.93
C ALA C 33 -18.74 -18.32 2.60
N TYR C 34 -18.88 -17.27 3.38
CA TYR C 34 -17.99 -16.12 3.33
C TYR C 34 -16.85 -16.32 4.34
N ILE C 35 -15.65 -15.91 3.96
CA ILE C 35 -14.49 -15.88 4.85
C ILE C 35 -14.18 -14.42 5.10
N VAL C 36 -14.25 -13.99 6.37
CA VAL C 36 -14.09 -12.59 6.71
C VAL C 36 -13.12 -12.47 7.86
N GLY C 37 -12.66 -11.24 8.10
CA GLY C 37 -11.71 -10.98 9.15
C GLY C 37 -10.79 -9.81 8.82
N PRO C 38 -10.10 -9.32 9.84
CA PRO C 38 -9.17 -8.19 9.63
C PRO C 38 -8.05 -8.57 8.67
N SER C 39 -7.47 -7.55 8.03
CA SER C 39 -6.26 -7.76 7.25
C SER C 39 -5.19 -8.43 8.11
N GLY C 40 -4.49 -9.39 7.52
CA GLY C 40 -3.49 -10.14 8.25
C GLY C 40 -4.02 -11.31 9.05
N ALA C 41 -5.34 -11.53 9.07
CA ALA C 41 -5.90 -12.59 9.92
C ALA C 41 -5.50 -13.97 9.42
N GLY C 42 -5.29 -14.11 8.11
CA GLY C 42 -4.96 -15.39 7.52
C GLY C 42 -5.96 -15.87 6.47
N LYS C 43 -6.82 -14.96 5.98
CA LYS C 43 -7.84 -15.34 5.01
C LYS C 43 -7.23 -15.88 3.72
N SER C 44 -6.26 -15.17 3.15
CA SER C 44 -5.69 -15.64 1.90
C SER C 44 -4.91 -16.93 2.10
N THR C 45 -4.21 -17.09 3.22
CA THR C 45 -3.54 -18.35 3.49
C THR C 45 -4.55 -19.49 3.57
N PHE C 46 -5.67 -19.24 4.24
CA PHE C 46 -6.74 -20.23 4.35
C PHE C 46 -7.25 -20.63 2.97
N ILE C 47 -7.60 -19.66 2.12
CA ILE C 47 -8.20 -20.10 0.87
C ILE C 47 -7.16 -20.69 -0.07
N ARG C 48 -5.91 -20.24 -0.03
CA ARG C 48 -4.88 -20.80 -0.91
C ARG C 48 -4.50 -22.21 -0.50
N SER C 49 -4.71 -22.57 0.76
CA SER C 49 -4.48 -23.96 1.12
C SER C 49 -5.51 -24.88 0.49
N LEU C 50 -6.69 -24.37 0.15
CA LEU C 50 -7.74 -25.25 -0.38
C LEU C 50 -7.47 -25.70 -1.81
N TYR C 51 -6.63 -24.99 -2.57
CA TYR C 51 -6.24 -25.50 -3.88
C TYR C 51 -4.73 -25.81 -3.93
N ARG C 52 -4.13 -26.02 -2.76
CA ARG C 52 -2.79 -26.60 -2.59
C ARG C 52 -1.68 -25.64 -3.01
N GLU C 53 -1.99 -24.36 -3.17
CA GLU C 53 -0.90 -23.41 -3.40
C GLU C 53 -0.06 -23.23 -2.13
N VAL C 54 -0.72 -23.15 -0.97
CA VAL C 54 -0.07 -23.24 0.34
C VAL C 54 -0.09 -24.71 0.78
N LYS C 55 1.04 -25.21 1.26
CA LYS C 55 1.11 -26.53 1.88
C LYS C 55 1.10 -26.39 3.39
N ILE C 56 0.22 -27.13 4.07
CA ILE C 56 0.12 -26.97 5.52
C ILE C 56 1.29 -27.65 6.20
N ASP C 57 1.58 -27.20 7.43
CA ASP C 57 2.68 -27.75 8.22
C ASP C 57 2.24 -28.79 9.23
N LYS C 58 1.02 -28.68 9.74
CA LYS C 58 0.49 -29.56 10.76
C LYS C 58 -1.01 -29.65 10.55
N GLY C 59 -1.61 -30.73 11.05
CA GLY C 59 -3.04 -30.91 10.89
C GLY C 59 -3.36 -31.69 9.64
N SER C 60 -4.66 -31.71 9.30
CA SER C 60 -5.11 -32.46 8.14
C SER C 60 -6.03 -31.59 7.30
N LEU C 61 -6.06 -31.90 6.01
CA LEU C 61 -6.84 -31.09 5.07
C LEU C 61 -7.22 -31.97 3.89
N SER C 62 -8.52 -32.14 3.65
CA SER C 62 -9.02 -32.81 2.46
C SER C 62 -9.98 -31.88 1.72
N VAL C 63 -9.86 -31.84 0.39
CA VAL C 63 -10.71 -31.02 -0.47
C VAL C 63 -11.10 -31.84 -1.68
N ALA C 64 -12.41 -31.97 -1.92
CA ALA C 64 -12.93 -32.66 -3.11
C ALA C 64 -12.35 -34.05 -3.21
N GLY C 65 -12.18 -34.69 -2.05
CA GLY C 65 -11.71 -36.07 -1.98
C GLY C 65 -10.20 -36.23 -1.93
N PHE C 66 -9.44 -35.18 -2.23
CA PHE C 66 -7.99 -35.24 -2.19
C PHE C 66 -7.46 -34.88 -0.80
N ASN C 67 -6.58 -35.72 -0.27
CA ASN C 67 -5.82 -35.38 0.92
C ASN C 67 -4.68 -34.45 0.49
N LEU C 68 -4.79 -33.17 0.85
CA LEU C 68 -3.83 -32.19 0.36
C LEU C 68 -2.47 -32.23 1.05
N VAL C 69 -2.34 -32.98 2.14
CA VAL C 69 -1.01 -33.25 2.68
C VAL C 69 -0.28 -34.25 1.81
N LYS C 70 -1.00 -35.24 1.28
CA LYS C 70 -0.35 -36.34 0.57
C LYS C 70 -0.43 -36.23 -0.94
N ILE C 71 -1.23 -35.33 -1.50
CA ILE C 71 -1.36 -35.25 -2.95
C ILE C 71 0.00 -35.01 -3.59
N LYS C 72 0.26 -35.69 -4.69
CA LYS C 72 1.50 -35.48 -5.42
C LYS C 72 1.35 -34.24 -6.31
N LYS C 73 2.46 -33.49 -6.46
CA LYS C 73 2.37 -32.25 -7.24
C LYS C 73 1.84 -32.51 -8.64
N LYS C 74 2.21 -33.64 -9.24
CA LYS C 74 1.74 -33.96 -10.59
C LYS C 74 0.22 -34.07 -10.67
N ASP C 75 -0.45 -34.33 -9.54
CA ASP C 75 -1.91 -34.47 -9.53
C ASP C 75 -2.61 -33.18 -9.11
N VAL C 76 -1.89 -32.10 -8.82
CA VAL C 76 -2.56 -30.85 -8.48
C VAL C 76 -3.41 -30.33 -9.63
N PRO C 77 -2.99 -30.41 -10.90
CA PRO C 77 -3.91 -30.00 -11.97
C PRO C 77 -5.25 -30.73 -11.93
N LEU C 78 -5.26 -32.03 -11.60
CA LEU C 78 -6.51 -32.77 -11.42
C LEU C 78 -7.32 -32.22 -10.25
N LEU C 79 -6.68 -31.93 -9.12
CA LEU C 79 -7.36 -31.23 -8.04
C LEU C 79 -8.00 -29.95 -8.54
N ARG C 80 -7.29 -29.19 -9.40
CA ARG C 80 -7.83 -27.90 -9.80
C ARG C 80 -8.95 -28.03 -10.83
N ARG C 81 -9.16 -29.24 -11.38
CA ARG C 81 -10.36 -29.48 -12.17
C ARG C 81 -11.59 -29.56 -11.29
N SER C 82 -11.43 -29.88 -10.01
CA SER C 82 -12.53 -29.92 -9.07
C SER C 82 -12.65 -28.65 -8.24
N VAL C 83 -11.63 -27.81 -8.24
CA VAL C 83 -11.58 -26.61 -7.41
C VAL C 83 -11.22 -25.45 -8.34
N GLY C 84 -12.22 -24.70 -8.78
CA GLY C 84 -11.97 -23.51 -9.57
C GLY C 84 -11.67 -22.33 -8.69
N VAL C 85 -10.96 -21.34 -9.23
CA VAL C 85 -10.54 -20.18 -8.45
C VAL C 85 -10.79 -18.94 -9.27
N VAL C 86 -11.45 -17.95 -8.67
CA VAL C 86 -11.56 -16.62 -9.27
C VAL C 86 -10.91 -15.60 -8.36
N PHE C 87 -10.44 -14.51 -8.97
CA PHE C 87 -9.61 -13.55 -8.26
C PHE C 87 -10.20 -12.15 -8.31
N GLN C 88 -9.68 -11.30 -7.42
CA GLN C 88 -10.03 -9.89 -7.44
C GLN C 88 -9.62 -9.26 -8.77
N ASP C 89 -8.42 -9.60 -9.26
CA ASP C 89 -7.85 -9.03 -10.48
C ASP C 89 -8.18 -9.95 -11.65
N TYR C 90 -9.36 -9.75 -12.21
CA TYR C 90 -9.73 -10.50 -13.40
C TYR C 90 -8.78 -10.17 -14.54
N LYS C 91 -8.39 -11.20 -15.30
CA LYS C 91 -7.43 -11.04 -16.39
C LYS C 91 -7.82 -12.00 -17.48
N LEU C 92 -8.32 -11.49 -18.59
CA LEU C 92 -8.62 -12.35 -19.73
C LEU C 92 -7.47 -12.29 -20.75
N LEU C 93 -7.41 -13.31 -21.58
CA LEU C 93 -6.48 -13.31 -22.72
C LEU C 93 -6.89 -12.23 -23.72
N PRO C 94 -6.03 -11.23 -24.00
CA PRO C 94 -6.50 -10.03 -24.72
C PRO C 94 -6.78 -10.21 -26.21
N LYS C 95 -6.12 -11.17 -26.85
CA LYS C 95 -6.25 -11.37 -28.29
C LYS C 95 -7.13 -12.56 -28.64
N LYS C 96 -7.79 -13.17 -27.65
CA LYS C 96 -8.75 -14.24 -27.85
C LYS C 96 -10.16 -13.70 -27.64
N THR C 97 -11.10 -14.26 -28.39
CA THR C 97 -12.50 -13.88 -28.20
C THR C 97 -13.02 -14.42 -26.88
N VAL C 98 -14.21 -13.95 -26.50
CA VAL C 98 -14.89 -14.50 -25.33
C VAL C 98 -15.01 -16.01 -25.46
N TYR C 99 -15.43 -16.48 -26.64
CA TYR C 99 -15.57 -17.92 -26.85
C TYR C 99 -14.25 -18.63 -26.60
N GLU C 100 -13.16 -18.12 -27.19
CA GLU C 100 -11.88 -18.80 -27.06
C GLU C 100 -11.38 -18.77 -25.63
N ASN C 101 -11.61 -17.63 -24.94
CA ASN C 101 -11.23 -17.51 -23.53
C ASN C 101 -11.87 -18.60 -22.69
N ILE C 102 -13.14 -18.90 -22.94
CA ILE C 102 -13.80 -19.91 -22.14
C ILE C 102 -13.40 -21.32 -22.58
N ALA C 103 -13.31 -21.55 -23.90
CA ALA C 103 -13.07 -22.88 -24.44
C ALA C 103 -11.69 -23.43 -24.05
N TYR C 104 -10.69 -22.55 -23.88
CA TYR C 104 -9.33 -23.03 -23.65
C TYR C 104 -9.25 -24.08 -22.55
N ALA C 105 -9.92 -23.85 -21.42
CA ALA C 105 -9.80 -24.78 -20.30
C ALA C 105 -10.31 -26.18 -20.66
N MET C 106 -11.33 -26.27 -21.52
CA MET C 106 -11.79 -27.57 -21.99
C MET C 106 -10.84 -28.17 -23.02
N GLU C 107 -10.26 -27.32 -23.87
CA GLU C 107 -9.27 -27.82 -24.83
C GLU C 107 -8.07 -28.45 -24.13
N VAL C 108 -7.64 -27.86 -23.02
CA VAL C 108 -6.45 -28.33 -22.31
C VAL C 108 -6.63 -29.78 -21.89
N ILE C 109 -7.85 -30.17 -21.52
CA ILE C 109 -8.10 -31.51 -21.00
C ILE C 109 -8.67 -32.45 -22.07
N GLY C 110 -8.65 -32.05 -23.33
CA GLY C 110 -8.97 -32.93 -24.44
C GLY C 110 -10.43 -33.16 -24.74
N GLU C 111 -11.31 -32.24 -24.39
CA GLU C 111 -12.73 -32.45 -24.66
C GLU C 111 -12.99 -32.41 -26.16
N ASN C 112 -14.01 -33.17 -26.58
CA ASN C 112 -14.43 -33.20 -28.01
C ASN C 112 -15.03 -31.83 -28.34
N ARG C 113 -14.82 -31.35 -29.57
CA ARG C 113 -15.31 -29.99 -29.99
C ARG C 113 -16.83 -29.81 -29.73
N ARG C 114 -17.61 -30.88 -29.85
CA ARG C 114 -19.03 -31.04 -29.49
C ARG C 114 -19.31 -30.73 -27.99
N ASN C 115 -18.69 -31.43 -27.04
CA ASN C 115 -18.97 -31.05 -25.63
C ASN C 115 -18.52 -29.59 -25.47
N ILE C 116 -17.50 -29.18 -26.19
CA ILE C 116 -16.95 -27.84 -26.03
C ILE C 116 -17.96 -26.78 -26.47
N LYS C 117 -18.47 -26.89 -27.70
CA LYS C 117 -19.42 -25.89 -28.16
C LYS C 117 -20.61 -25.79 -27.20
N ARG C 118 -21.16 -26.96 -26.85
CA ARG C 118 -22.36 -27.05 -25.97
C ARG C 118 -22.09 -26.42 -24.61
N ARG C 119 -20.97 -26.77 -23.98
CA ARG C 119 -20.66 -26.24 -22.65
C ARG C 119 -20.37 -24.74 -22.69
N VAL C 120 -19.64 -24.28 -23.71
CA VAL C 120 -19.33 -22.85 -23.77
C VAL C 120 -20.61 -22.06 -23.93
N MET C 121 -21.50 -22.48 -24.83
CA MET C 121 -22.73 -21.72 -24.98
C MET C 121 -23.59 -21.82 -23.73
N GLU C 122 -23.58 -22.97 -23.05
CA GLU C 122 -24.31 -23.10 -21.79
C GLU C 122 -23.81 -22.11 -20.74
N VAL C 123 -22.49 -22.03 -20.53
CA VAL C 123 -22.02 -21.13 -19.48
C VAL C 123 -22.16 -19.67 -19.91
N LEU C 124 -22.09 -19.39 -21.21
CA LEU C 124 -22.34 -18.01 -21.64
C LEU C 124 -23.79 -17.62 -21.38
N ASP C 125 -24.73 -18.55 -21.55
CA ASP C 125 -26.11 -18.23 -21.21
C ASP C 125 -26.27 -18.07 -19.71
N LEU C 126 -25.55 -18.88 -18.93
CA LEU C 126 -25.59 -18.72 -17.48
C LEU C 126 -25.14 -17.32 -17.05
N VAL C 127 -24.07 -16.79 -17.66
CA VAL C 127 -23.58 -15.47 -17.27
C VAL C 127 -24.22 -14.35 -18.08
N GLY C 128 -25.12 -14.67 -19.02
CA GLY C 128 -25.87 -13.68 -19.77
C GLY C 128 -25.06 -12.92 -20.80
N LEU C 129 -24.05 -13.56 -21.40
CA LEU C 129 -23.18 -12.84 -22.32
C LEU C 129 -23.02 -13.58 -23.63
N LYS C 130 -23.98 -14.45 -23.97
CA LYS C 130 -23.85 -15.16 -25.23
C LYS C 130 -23.92 -14.20 -26.41
N HIS C 131 -24.55 -13.03 -26.22
CA HIS C 131 -24.59 -12.09 -27.34
C HIS C 131 -23.24 -11.42 -27.62
N LYS C 132 -22.23 -11.66 -26.80
CA LYS C 132 -20.89 -11.13 -27.03
C LYS C 132 -19.88 -12.26 -27.29
N VAL C 133 -20.34 -13.40 -27.85
CA VAL C 133 -19.51 -14.60 -28.02
C VAL C 133 -18.21 -14.30 -28.75
N ARG C 134 -18.28 -13.44 -29.78
CA ARG C 134 -17.13 -13.23 -30.65
C ARG C 134 -16.32 -11.99 -30.27
N SER C 135 -16.73 -11.29 -29.21
CA SER C 135 -16.06 -10.06 -28.82
C SER C 135 -14.73 -10.33 -28.12
N PHE C 136 -13.85 -9.31 -28.18
CA PHE C 136 -12.59 -9.31 -27.47
C PHE C 136 -12.76 -8.71 -26.08
N PRO C 137 -11.91 -9.10 -25.13
CA PRO C 137 -12.08 -8.61 -23.76
C PRO C 137 -12.09 -7.11 -23.61
N ASN C 138 -11.31 -6.36 -24.40
CA ASN C 138 -11.19 -4.94 -24.13
C ASN C 138 -12.48 -4.18 -24.42
N GLU C 139 -13.40 -4.77 -25.19
CA GLU C 139 -14.68 -4.09 -25.36
C GLU C 139 -15.63 -4.35 -24.20
N LEU C 140 -15.22 -5.16 -23.22
CA LEU C 140 -16.08 -5.53 -22.10
C LEU C 140 -15.87 -4.60 -20.91
N SER C 141 -16.97 -4.33 -20.20
CA SER C 141 -16.91 -3.60 -18.94
C SER C 141 -16.19 -4.45 -17.91
N GLY C 142 -15.81 -3.83 -16.79
CA GLY C 142 -15.16 -4.60 -15.73
C GLY C 142 -16.06 -5.72 -15.20
N GLY C 143 -17.34 -5.41 -15.00
CA GLY C 143 -18.28 -6.42 -14.56
C GLY C 143 -18.39 -7.57 -15.55
N GLU C 144 -18.43 -7.25 -16.85
CA GLU C 144 -18.53 -8.30 -17.86
C GLU C 144 -17.25 -9.14 -17.90
N GLN C 145 -16.10 -8.50 -17.71
CA GLN C 145 -14.85 -9.27 -17.69
C GLN C 145 -14.85 -10.24 -16.52
N GLN C 146 -15.31 -9.82 -15.34
CA GLN C 146 -15.33 -10.76 -14.22
C GLN C 146 -16.38 -11.84 -14.43
N ARG C 147 -17.50 -11.52 -15.09
CA ARG C 147 -18.46 -12.57 -15.41
C ARG C 147 -17.84 -13.60 -16.35
N ILE C 148 -17.05 -13.15 -17.33
CA ILE C 148 -16.40 -14.10 -18.23
C ILE C 148 -15.32 -14.90 -17.49
N ALA C 149 -14.61 -14.26 -16.54
CA ALA C 149 -13.62 -14.98 -15.75
C ALA C 149 -14.27 -16.06 -14.90
N ILE C 150 -15.46 -15.79 -14.38
CA ILE C 150 -16.18 -16.82 -13.64
C ILE C 150 -16.63 -17.92 -14.58
N ALA C 151 -17.13 -17.56 -15.76
CA ALA C 151 -17.47 -18.58 -16.75
C ALA C 151 -16.30 -19.48 -17.06
N ARG C 152 -15.11 -18.89 -17.23
CA ARG C 152 -13.90 -19.66 -17.46
C ARG C 152 -13.63 -20.60 -16.28
N ALA C 153 -13.76 -20.08 -15.07
CA ALA C 153 -13.50 -20.87 -13.87
C ALA C 153 -14.44 -22.05 -13.73
N ILE C 154 -15.69 -21.95 -14.18
CA ILE C 154 -16.65 -23.03 -13.97
C ILE C 154 -16.84 -23.88 -15.22
N VAL C 155 -16.06 -23.64 -16.29
CA VAL C 155 -16.37 -24.31 -17.54
C VAL C 155 -16.27 -25.82 -17.39
N ASN C 156 -15.35 -26.31 -16.56
CA ASN C 156 -15.21 -27.75 -16.39
C ASN C 156 -16.06 -28.30 -15.23
N ASN C 157 -17.02 -27.50 -14.74
CA ASN C 157 -18.00 -27.85 -13.73
C ASN C 157 -17.33 -28.34 -12.45
N PRO C 158 -16.50 -27.50 -11.82
CA PRO C 158 -15.83 -27.91 -10.58
C PRO C 158 -16.82 -28.05 -9.44
N LYS C 159 -16.50 -28.98 -8.53
CA LYS C 159 -17.32 -29.17 -7.34
C LYS C 159 -17.24 -28.00 -6.39
N VAL C 160 -16.11 -27.30 -6.38
CA VAL C 160 -15.83 -26.19 -5.48
C VAL C 160 -15.38 -24.99 -6.30
N LEU C 161 -15.87 -23.81 -5.95
CA LEU C 161 -15.37 -22.55 -6.50
C LEU C 161 -14.89 -21.68 -5.35
N ILE C 162 -13.60 -21.31 -5.39
CA ILE C 162 -12.98 -20.43 -4.42
C ILE C 162 -12.92 -19.05 -5.05
N ALA C 163 -13.46 -18.04 -4.38
CA ALA C 163 -13.51 -16.69 -4.92
C ALA C 163 -12.81 -15.77 -3.93
N ASP C 164 -11.72 -15.14 -4.36
CA ASP C 164 -10.97 -14.26 -3.47
C ASP C 164 -11.32 -12.81 -3.81
N GLU C 165 -12.17 -12.21 -2.97
CA GLU C 165 -12.63 -10.84 -3.17
C GLU C 165 -13.11 -10.59 -4.60
N PRO C 166 -14.07 -11.40 -5.08
CA PRO C 166 -14.47 -11.32 -6.49
C PRO C 166 -15.04 -9.98 -6.89
N THR C 167 -15.58 -9.19 -5.94
CA THR C 167 -16.17 -7.90 -6.26
C THR C 167 -15.30 -6.74 -5.79
N GLY C 168 -14.06 -7.02 -5.38
CA GLY C 168 -13.23 -5.98 -4.77
C GLY C 168 -12.86 -4.86 -5.71
N ASN C 169 -12.86 -5.11 -7.02
CA ASN C 169 -12.54 -4.09 -8.01
C ASN C 169 -13.76 -3.68 -8.84
N LEU C 170 -14.96 -3.92 -8.33
CA LEU C 170 -16.19 -3.64 -9.07
C LEU C 170 -17.06 -2.66 -8.28
N ASP C 171 -17.83 -1.86 -9.01
CA ASP C 171 -18.73 -0.92 -8.38
C ASP C 171 -19.89 -1.67 -7.74
N PRO C 172 -20.76 -0.96 -7.01
CA PRO C 172 -21.86 -1.67 -6.32
C PRO C 172 -22.76 -2.49 -7.24
N ASP C 173 -23.28 -1.91 -8.33
CA ASP C 173 -24.24 -2.64 -9.17
C ASP C 173 -23.59 -3.87 -9.81
N ASN C 174 -22.35 -3.72 -10.29
CA ASN C 174 -21.62 -4.89 -10.81
C ASN C 174 -21.36 -5.90 -9.71
N SER C 175 -21.13 -5.44 -8.48
CA SER C 175 -20.92 -6.37 -7.38
C SER C 175 -22.17 -7.21 -7.15
N TRP C 176 -23.34 -6.58 -7.14
CA TRP C 176 -24.59 -7.35 -7.03
C TRP C 176 -24.74 -8.33 -8.19
N GLU C 177 -24.38 -7.93 -9.41
CA GLU C 177 -24.52 -8.86 -10.54
C GLU C 177 -23.64 -10.08 -10.37
N ILE C 178 -22.41 -9.87 -9.92
CA ILE C 178 -21.49 -10.99 -9.70
C ILE C 178 -22.04 -11.89 -8.60
N MET C 179 -22.58 -11.29 -7.54
CA MET C 179 -23.13 -12.10 -6.46
C MET C 179 -24.31 -12.92 -6.94
N ASN C 180 -25.16 -12.34 -7.79
CA ASN C 180 -26.29 -13.12 -8.30
C ASN C 180 -25.81 -14.30 -9.15
N LEU C 181 -24.75 -14.09 -9.92
CA LEU C 181 -24.17 -15.19 -10.69
C LEU C 181 -23.62 -16.29 -9.77
N LEU C 182 -22.84 -15.89 -8.74
CA LEU C 182 -22.33 -16.88 -7.80
C LEU C 182 -23.46 -17.64 -7.11
N GLU C 183 -24.54 -16.94 -6.76
CA GLU C 183 -25.64 -17.63 -6.11
C GLU C 183 -26.32 -18.61 -7.06
N ARG C 184 -26.42 -18.26 -8.34
CA ARG C 184 -27.00 -19.21 -9.30
C ARG C 184 -26.10 -20.43 -9.49
N ILE C 185 -24.78 -20.22 -9.48
CA ILE C 185 -23.86 -21.34 -9.58
C ILE C 185 -24.00 -22.25 -8.36
N ASN C 186 -24.15 -21.63 -7.19
CA ASN C 186 -24.32 -22.40 -5.97
C ASN C 186 -25.61 -23.19 -5.98
N LEU C 187 -26.70 -22.61 -6.55
CA LEU C 187 -27.96 -23.33 -6.61
C LEU C 187 -27.86 -24.59 -7.45
N GLN C 188 -26.93 -24.61 -8.42
CA GLN C 188 -26.68 -25.79 -9.24
C GLN C 188 -25.90 -26.86 -8.49
N GLY C 189 -25.38 -26.55 -7.30
CA GLY C 189 -24.75 -27.52 -6.42
C GLY C 189 -23.30 -27.22 -6.12
N THR C 190 -22.70 -26.23 -6.77
CA THR C 190 -21.31 -25.92 -6.53
C THR C 190 -21.12 -25.34 -5.14
N THR C 191 -20.11 -25.85 -4.42
CA THR C 191 -19.74 -25.30 -3.12
C THR C 191 -18.94 -24.03 -3.35
N ILE C 192 -19.31 -22.94 -2.70
CA ILE C 192 -18.61 -21.67 -2.92
C ILE C 192 -18.04 -21.16 -1.60
N LEU C 193 -16.75 -20.86 -1.60
CA LEU C 193 -16.11 -20.16 -0.49
C LEU C 193 -15.57 -18.85 -1.00
N MET C 194 -15.96 -17.76 -0.37
CA MET C 194 -15.69 -16.43 -0.92
C MET C 194 -15.12 -15.56 0.19
N ALA C 195 -13.86 -15.16 0.05
CA ALA C 195 -13.26 -14.19 0.96
C ALA C 195 -13.69 -12.80 0.54
N THR C 196 -14.08 -11.97 1.52
CA THR C 196 -14.65 -10.68 1.15
C THR C 196 -14.54 -9.72 2.32
N HIS C 197 -14.45 -8.43 1.97
N HIS C 197 -14.43 -8.43 2.01
CA HIS C 197 -14.54 -7.33 2.93
CA HIS C 197 -14.61 -7.41 3.04
C HIS C 197 -15.81 -6.50 2.76
C HIS C 197 -15.77 -6.47 2.71
N ASN C 198 -16.72 -6.95 1.90
CA ASN C 198 -17.90 -6.15 1.53
C ASN C 198 -19.01 -6.42 2.54
N SER C 199 -19.15 -5.51 3.50
CA SER C 199 -20.14 -5.71 4.57
C SER C 199 -21.56 -5.68 4.03
N GLN C 200 -21.84 -4.80 3.05
CA GLN C 200 -23.17 -4.73 2.46
C GLN C 200 -23.59 -6.08 1.88
N ILE C 201 -22.69 -6.73 1.13
CA ILE C 201 -23.02 -8.01 0.50
C ILE C 201 -23.26 -9.08 1.57
N VAL C 202 -22.34 -9.17 2.54
CA VAL C 202 -22.45 -10.22 3.55
C VAL C 202 -23.71 -10.04 4.39
N ASN C 203 -24.06 -8.78 4.70
CA ASN C 203 -25.23 -8.56 5.55
C ASN C 203 -26.56 -8.66 4.81
N THR C 204 -26.55 -8.45 3.47
CA THR C 204 -27.76 -8.54 2.66
C THR C 204 -28.01 -9.95 2.13
N LEU C 205 -26.99 -10.58 1.58
CA LEU C 205 -27.09 -11.92 0.99
C LEU C 205 -26.55 -12.87 2.04
N ARG C 206 -27.42 -13.31 2.94
CA ARG C 206 -26.97 -14.01 4.13
C ARG C 206 -26.55 -15.44 3.81
N HIS C 207 -25.33 -15.80 4.21
CA HIS C 207 -24.82 -17.14 4.04
C HIS C 207 -24.00 -17.49 5.27
N ARG C 208 -23.37 -18.67 5.25
CA ARG C 208 -22.49 -19.03 6.36
C ARG C 208 -21.34 -18.04 6.43
N VAL C 209 -20.97 -17.63 7.64
CA VAL C 209 -19.83 -16.71 7.82
C VAL C 209 -18.79 -17.38 8.70
N ILE C 210 -17.55 -17.44 8.21
CA ILE C 210 -16.41 -17.96 8.96
C ILE C 210 -15.48 -16.78 9.17
N ALA C 211 -15.32 -16.35 10.42
CA ALA C 211 -14.52 -15.18 10.74
C ALA C 211 -13.20 -15.62 11.34
N ILE C 212 -12.10 -15.11 10.80
CA ILE C 212 -10.75 -15.46 11.24
C ILE C 212 -10.10 -14.23 11.83
N GLU C 213 -9.43 -14.42 12.97
CA GLU C 213 -8.66 -13.38 13.64
C GLU C 213 -7.35 -13.99 14.12
N ASN C 214 -6.24 -13.37 13.74
CA ASN C 214 -4.92 -13.80 14.18
CA ASN C 214 -4.92 -13.80 14.18
C ASN C 214 -4.75 -15.31 14.04
N GLY C 215 -5.14 -15.82 12.87
CA GLY C 215 -4.89 -17.21 12.55
C GLY C 215 -5.82 -18.22 13.16
N ARG C 216 -6.92 -17.78 13.80
CA ARG C 216 -7.87 -18.70 14.41
C ARG C 216 -9.29 -18.35 13.98
N VAL C 217 -10.15 -19.36 13.89
CA VAL C 217 -11.56 -19.12 13.63
C VAL C 217 -12.18 -18.64 14.93
N VAL C 218 -12.77 -17.44 14.91
CA VAL C 218 -13.41 -16.90 16.11
C VAL C 218 -14.92 -16.92 16.02
N ARG C 219 -15.50 -17.18 14.85
CA ARG C 219 -16.95 -17.21 14.69
C ARG C 219 -17.23 -18.05 13.46
N ASP C 220 -18.26 -18.90 13.55
CA ASP C 220 -18.64 -19.75 12.42
C ASP C 220 -20.16 -19.93 12.55
N GLU C 221 -20.91 -19.17 11.77
CA GLU C 221 -22.35 -18.95 11.99
C GLU C 221 -23.14 -19.11 10.70
N SER C 222 -24.32 -19.73 10.81
CA SER C 222 -25.26 -19.74 9.69
C SER C 222 -25.86 -18.36 9.53
N LYS C 223 -26.08 -17.96 8.28
CA LYS C 223 -26.67 -16.67 7.96
C LYS C 223 -26.07 -15.55 8.82
N GLY C 224 -24.75 -15.48 8.82
CA GLY C 224 -24.06 -14.62 9.77
C GLY C 224 -23.98 -13.18 9.31
N GLU C 225 -23.73 -12.29 10.26
CA GLU C 225 -23.44 -10.90 9.93
C GLU C 225 -21.95 -10.72 9.65
N TYR C 226 -21.61 -9.59 9.02
CA TYR C 226 -20.22 -9.34 8.65
C TYR C 226 -19.36 -9.17 9.91
N GLY C 227 -19.74 -8.25 10.79
CA GLY C 227 -19.14 -8.18 12.11
C GLY C 227 -17.83 -7.41 12.22
N TYR C 228 -17.40 -6.73 11.16
CA TYR C 228 -16.19 -5.93 11.19
C TYR C 228 -16.47 -4.56 10.58
N ASP C 229 -15.50 -3.65 10.71
CA ASP C 229 -15.66 -2.27 10.26
C ASP C 229 -14.97 -2.02 8.92
PB ADP D . 30.48 -2.03 18.27
O1B ADP D . 31.07 -0.91 19.08
O2B ADP D . 31.13 -2.20 16.93
O3B ADP D . 28.97 -1.95 18.19
PA ADP D . 29.97 -4.75 19.30
O1A ADP D . 29.23 -4.66 20.60
O2A ADP D . 29.21 -5.05 18.06
O3A ADP D . 30.80 -3.39 19.10
O5' ADP D . 31.17 -5.81 19.45
C5' ADP D . 32.03 -5.73 20.62
C4' ADP D . 33.11 -6.78 20.52
O4' ADP D . 32.51 -8.09 20.72
C3' ADP D . 33.84 -6.87 19.17
O3' ADP D . 35.18 -7.32 19.32
C2' ADP D . 32.98 -7.89 18.41
O2' ADP D . 33.69 -8.54 17.39
C1' ADP D . 32.61 -8.85 19.54
N9 ADP D . 31.34 -9.54 19.34
C8 ADP D . 30.15 -8.95 18.99
N7 ADP D . 29.16 -9.81 18.86
C5 ADP D . 29.74 -11.04 19.15
C6 ADP D . 29.22 -12.35 19.20
N6 ADP D . 27.95 -12.64 18.94
N1 ADP D . 30.07 -13.35 19.51
C2 ADP D . 31.34 -13.04 19.77
N3 ADP D . 31.95 -11.86 19.76
C4 ADP D . 31.09 -10.88 19.44
H5'1 ADP D . 31.49 -5.88 21.43
H5'2 ADP D . 32.44 -4.83 20.67
H4' ADP D . 33.77 -6.62 21.23
H3' ADP D . 33.81 -5.99 18.70
HO3' ADP D . 35.34 -7.89 18.71
H2' ADP D . 32.16 -7.46 18.04
HO2' ADP D . 34.32 -8.03 17.12
H1' ADP D . 33.33 -9.52 19.63
H8 ADP D . 30.04 -8.03 18.85
HN61 ADP D . 27.68 -13.48 18.99
HN62 ADP D . 27.39 -12.00 18.74
H2 ADP D . 31.90 -13.78 19.99
PB ADP E . 23.47 -18.79 15.31
O1B ADP E . 23.01 -19.92 16.19
O2B ADP E . 24.34 -19.26 14.17
O3B ADP E . 22.34 -17.91 14.85
PA ADP E . 25.79 -17.09 15.97
O1A ADP E . 26.53 -16.95 17.25
O2A ADP E . 26.47 -17.73 14.81
O3A ADP E . 24.42 -17.86 16.24
O5' ADP E . 25.24 -15.64 15.51
C5' ADP E . 25.71 -15.09 14.26
C4' ADP E . 25.83 -13.60 14.39
O4' ADP E . 26.39 -13.28 15.69
C3' ADP E . 26.74 -12.90 13.37
O3' ADP E . 26.02 -12.49 12.22
C2' ADP E . 27.25 -11.70 14.17
O2' ADP E . 26.35 -10.62 14.18
C1' ADP E . 27.41 -12.31 15.55
N9 ADP E . 28.69 -12.97 15.77
C8 ADP E . 28.92 -14.31 15.92
N7 ADP E . 30.18 -14.62 16.10
C5 ADP E . 30.83 -13.41 16.06
C6 ADP E . 32.19 -13.06 16.20
N6 ADP E . 33.17 -13.94 16.40
N1 ADP E . 32.52 -11.74 16.12
C2 ADP E . 31.53 -10.86 15.92
N3 ADP E . 30.23 -11.07 15.78
C4 ADP E . 29.94 -12.37 15.87
H5'1 ADP E . 25.08 -15.31 13.54
H5'2 ADP E . 26.59 -15.47 14.03
H4' ADP E . 24.93 -13.20 14.33
H3' ADP E . 27.49 -13.50 13.12
HO3' ADP E . 25.85 -11.66 12.28
H2' ADP E . 28.14 -11.40 13.82
HO2' ADP E . 26.61 -10.03 13.62
H1' ADP E . 27.29 -11.60 16.23
H8 ADP E . 28.23 -14.96 15.89
HN61 ADP E . 34.00 -13.66 16.48
HN62 ADP E . 32.97 -14.80 16.44
H2 ADP E . 31.80 -9.95 15.88
PB ADP F . 6.74 11.28 -4.04
O1B ADP F . 6.72 9.95 -3.32
O2B ADP F . 5.46 11.56 -4.78
O3B ADP F . 7.96 11.45 -4.92
PA ADP F . 5.75 13.16 -2.01
O1A ADP F . 5.65 14.58 -2.48
O2A ADP F . 4.51 12.34 -1.97
O3A ADP F . 6.86 12.40 -2.90
O5' ADP F . 6.45 13.14 -0.56
C5' ADP F . 7.72 13.81 -0.40
C4' ADP F . 8.15 13.72 1.05
O4' ADP F . 7.18 14.43 1.87
C3' ADP F . 8.23 12.31 1.64
O3' ADP F . 9.30 12.21 2.58
C2' ADP F . 6.87 12.14 2.32
O2' ADP F . 6.89 11.20 3.37
C1' ADP F . 6.63 13.55 2.83
N9 ADP F . 5.22 13.90 3.02
C8 ADP F . 4.26 13.90 2.05
N7 ADP F . 3.07 14.25 2.50
C5 ADP F . 3.27 14.47 3.85
C6 ADP F . 2.40 14.87 4.88
N6 ADP F . 1.10 15.11 4.70
N1 ADP F . 2.92 15.00 6.13
C2 ADP F . 4.23 14.76 6.30
N3 ADP F . 5.14 14.39 5.41
C4 ADP F . 4.60 14.26 4.19
H5'1 ADP F . 7.65 14.75 -0.66
H5'2 ADP F . 8.41 13.37 -0.96
H4' ADP F . 9.02 14.16 1.14
H3' ADP F . 8.34 11.63 0.92
HO3' ADP F . 9.30 11.42 2.91
H2' ADP F . 6.18 11.90 1.65
HO2' ADP F . 7.62 10.77 3.34
H1' ADP F . 7.11 13.67 3.69
H8 ADP F . 4.42 13.70 1.14
HN61 ADP F . 0.61 15.34 5.39
HN62 ADP F . 0.76 15.03 3.90
H2 ADP F . 4.55 14.86 7.18
PB ADP G . -5.22 -11.87 5.04
O1B ADP G . -4.80 -10.43 4.91
O2B ADP G . -5.60 -12.49 3.71
O3B ADP G . -6.29 -12.06 6.10
PA ADP G . -2.82 -13.55 4.78
O1A ADP G . -3.22 -14.98 4.81
O2A ADP G . -2.55 -12.92 3.46
O3A ADP G . -3.93 -12.68 5.55
O5' ADP G . -1.55 -13.34 5.74
C5' ADP G . -1.53 -14.02 7.03
C4' ADP G . -0.24 -13.71 7.73
O4' ADP G . 0.86 -14.40 7.05
C3' ADP G . 0.18 -12.24 7.75
O3' ADP G . 0.90 -11.93 8.95
C2' ADP G . 1.07 -12.13 6.52
O2' ADP G . 1.99 -11.06 6.60
C1' ADP G . 1.78 -13.47 6.54
N9 ADP G . 2.22 -13.93 5.22
C8 ADP G . 1.42 -14.11 4.12
N7 ADP G . 2.08 -14.53 3.07
C5 ADP G . 3.40 -14.63 3.50
C6 ADP G . 4.58 -15.02 2.86
N6 ADP G . 4.63 -15.40 1.58
N1 ADP G . 5.72 -15.01 3.58
C2 ADP G . 5.66 -14.62 4.87
N3 ADP G . 4.61 -14.23 5.57
C4 ADP G . 3.49 -14.27 4.83
H5'1 ADP G . -1.61 -15.00 6.89
H5'2 ADP G . -2.29 -13.71 7.58
H4' ADP G . -0.29 -14.05 8.65
H3' ADP G . -0.61 -11.66 7.68
HO3' ADP G . 0.95 -11.07 9.01
H2' ADP G . 0.52 -12.03 5.69
HO2' ADP G . 1.73 -10.50 7.19
H1' ADP G . 2.56 -13.42 7.14
H8 ADP G . 0.49 -13.95 4.12
HN61 ADP G . 5.40 -15.64 1.23
HN62 ADP G . 3.90 -15.40 1.10
H2 ADP G . 6.49 -14.63 5.32
PB ADP H . -24.87 -22.35 -35.44
O1B ADP H . -24.28 -23.66 -35.92
O2B ADP H . -26.38 -22.34 -35.49
O3B ADP H . -24.26 -21.15 -36.12
PA ADP H . -25.21 -21.55 -32.63
O1A ADP H . -25.23 -22.52 -31.50
O2A ADP H . -26.52 -20.97 -33.09
O3A ADP H . -24.48 -22.23 -33.88
O5' ADP H . -24.19 -20.36 -32.29
C5' ADP H . -24.32 -19.66 -31.03
C4' ADP H . -23.70 -18.29 -31.14
O4' ADP H . -22.26 -18.42 -30.92
C3' ADP H . -23.83 -17.60 -32.51
O3' ADP H . -23.87 -16.19 -32.37
C2' ADP H . -22.57 -18.05 -33.23
O2' ADP H . -22.18 -17.18 -34.26
C1' ADP H . -21.55 -18.05 -32.08
N9 ADP H . -20.46 -18.99 -32.26
C8 ADP H . -20.56 -20.30 -32.66
N7 ADP H . -19.40 -20.91 -32.73
C5 ADP H . -18.48 -19.95 -32.36
C6 ADP H . -17.08 -19.98 -32.25
N6 ADP H . -16.33 -21.05 -32.49
N1 ADP H . -16.46 -18.84 -31.85
C2 ADP H . -17.21 -17.75 -31.60
N3 ADP H . -18.53 -17.61 -31.67
C4 ADP H . -19.11 -18.76 -32.07
H5'1 ADP H . -23.88 -20.17 -30.32
H5'2 ADP H . -25.29 -19.56 -30.80
H4' ADP H . -24.08 -17.71 -30.45
H3' ADP H . -24.64 -17.93 -32.99
HO3' ADP H . -23.11 -15.86 -32.58
H2' ADP H . -22.68 -18.98 -33.59
HO2' ADP H . -21.83 -16.48 -33.92
H1' ADP H . -21.19 -17.13 -31.97
H8 ADP H . -21.37 -20.72 -32.86
HN61 ADP H . -15.46 -21.01 -32.39
HN62 ADP H . -16.72 -21.79 -32.76
H2 ADP H . -16.73 -16.99 -31.33
#